data_1D27
# 
_entry.id   1D27 
# 
_audit_conform.dict_name       mmcif_pdbx.dic 
_audit_conform.dict_version    5.385 
_audit_conform.dict_location   http://mmcif.pdb.org/dictionaries/ascii/mmcif_pdbx.dic 
# 
loop_
_database_2.database_id 
_database_2.database_code 
_database_2.pdbx_database_accession 
_database_2.pdbx_DOI 
PDB   1D27         pdb_00001d27 10.2210/pdb1d27/pdb 
RCSB  BDLB26       ?            ?                   
WWPDB D_1000172631 ?            ?                   
# 
loop_
_pdbx_audit_revision_history.ordinal 
_pdbx_audit_revision_history.data_content_type 
_pdbx_audit_revision_history.major_revision 
_pdbx_audit_revision_history.minor_revision 
_pdbx_audit_revision_history.revision_date 
1 'Structure model' 1 0 1992-04-07 
2 'Structure model' 1 1 2008-05-22 
3 'Structure model' 1 2 2011-07-13 
4 'Structure model' 1 3 2024-02-07 
# 
_pdbx_audit_revision_details.ordinal             1 
_pdbx_audit_revision_details.revision_ordinal    1 
_pdbx_audit_revision_details.data_content_type   'Structure model' 
_pdbx_audit_revision_details.provider            repository 
_pdbx_audit_revision_details.type                'Initial release' 
_pdbx_audit_revision_details.description         ? 
_pdbx_audit_revision_details.details             ? 
# 
loop_
_pdbx_audit_revision_group.ordinal 
_pdbx_audit_revision_group.revision_ordinal 
_pdbx_audit_revision_group.data_content_type 
_pdbx_audit_revision_group.group 
1 2 'Structure model' 'Version format compliance' 
2 3 'Structure model' 'Version format compliance' 
3 4 'Structure model' 'Data collection'           
4 4 'Structure model' 'Database references'       
5 4 'Structure model' 'Derived calculations'      
# 
loop_
_pdbx_audit_revision_category.ordinal 
_pdbx_audit_revision_category.revision_ordinal 
_pdbx_audit_revision_category.data_content_type 
_pdbx_audit_revision_category.category 
1 4 'Structure model' chem_comp_atom 
2 4 'Structure model' chem_comp_bond 
3 4 'Structure model' database_2     
4 4 'Structure model' struct_conn    
# 
loop_
_pdbx_audit_revision_item.ordinal 
_pdbx_audit_revision_item.revision_ordinal 
_pdbx_audit_revision_item.data_content_type 
_pdbx_audit_revision_item.item 
1 4 'Structure model' '_database_2.pdbx_DOI'                
2 4 'Structure model' '_database_2.pdbx_database_accession' 
3 4 'Structure model' '_struct_conn.pdbx_leaving_atom_flag' 
# 
_pdbx_database_status.status_code                     REL 
_pdbx_database_status.entry_id                        1D27 
_pdbx_database_status.recvd_initial_deposition_date   1991-04-22 
_pdbx_database_status.deposit_site                    BNL 
_pdbx_database_status.process_site                    NDB 
_pdbx_database_status.status_code_sf                  REL 
_pdbx_database_status.status_code_mr                  ? 
_pdbx_database_status.SG_entry                        ? 
_pdbx_database_status.pdb_format_compatible           Y 
_pdbx_database_status.status_code_cs                  ? 
_pdbx_database_status.status_code_nmr_data            ? 
_pdbx_database_status.methods_development_category    ? 
# 
loop_
_audit_author.name 
_audit_author.pdbx_ordinal 
'Leonard, G.A.' 1 
'Thomson, J.'   2 
'Watson, W.P.'  3 
'Brown, T.'     4 
# 
_citation.id                        primary 
_citation.title                     'High-resolution structure of a mutagenic lesion in DNA.' 
_citation.journal_abbrev            Proc.Natl.Acad.Sci.USA 
_citation.journal_volume            87 
_citation.page_first                9573 
_citation.page_last                 9576 
_citation.year                      1990 
_citation.journal_id_ASTM           PNASA6 
_citation.country                   US 
_citation.journal_id_ISSN           0027-8424 
_citation.journal_id_CSD            0040 
_citation.book_publisher            ? 
_citation.pdbx_database_id_PubMed   2263612 
_citation.pdbx_database_id_DOI      10.1073/pnas.87.24.9573 
# 
loop_
_citation_author.citation_id 
_citation_author.name 
_citation_author.ordinal 
_citation_author.identifier_ORCID 
primary 'Leonard, G.A.' 1 ? 
primary 'Thomson, J.'   2 ? 
primary 'Watson, W.P.'  3 ? 
primary 'Brown, T.'     4 ? 
# 
loop_
_entity.id 
_entity.type 
_entity.src_method 
_entity.pdbx_description 
_entity.formula_weight 
_entity.pdbx_number_of_molecules 
_entity.pdbx_ec 
_entity.pdbx_mutation 
_entity.pdbx_fragment 
_entity.details 
1 polymer syn 
;DNA (5'-D(*CP*GP*CP*(6OG)P*AP*AP*TP*TP*TP*GP*CP*G)-3')
;
3692.430 2  ? ? ? ? 
2 water   nat water                                                    18.015   69 ? ? ? ? 
# 
_entity_poly.entity_id                      1 
_entity_poly.type                           polydeoxyribonucleotide 
_entity_poly.nstd_linkage                   no 
_entity_poly.nstd_monomer                   yes 
_entity_poly.pdbx_seq_one_letter_code       '(DC)(DG)(DC)(6OG)(DA)(DA)(DT)(DT)(DT)(DG)(DC)(DG)' 
_entity_poly.pdbx_seq_one_letter_code_can   CGCGAATTTGCG 
_entity_poly.pdbx_strand_id                 A,B 
_entity_poly.pdbx_target_identifier         ? 
# 
_pdbx_entity_nonpoly.entity_id   2 
_pdbx_entity_nonpoly.name        water 
_pdbx_entity_nonpoly.comp_id     HOH 
# 
loop_
_entity_poly_seq.entity_id 
_entity_poly_seq.num 
_entity_poly_seq.mon_id 
_entity_poly_seq.hetero 
1 1  DC  n 
1 2  DG  n 
1 3  DC  n 
1 4  6OG n 
1 5  DA  n 
1 6  DA  n 
1 7  DT  n 
1 8  DT  n 
1 9  DT  n 
1 10 DG  n 
1 11 DC  n 
1 12 DG  n 
# 
loop_
_chem_comp.id 
_chem_comp.type 
_chem_comp.mon_nstd_flag 
_chem_comp.name 
_chem_comp.pdbx_synonyms 
_chem_comp.formula 
_chem_comp.formula_weight 
6OG 'DNA linking' n 
;6-O-METHYL GUANOSINE-5'-MONOPHOSPHATE
;
? 'C11 H16 N5 O7 P' 361.248 
DA  'DNA linking' y "2'-DEOXYADENOSINE-5'-MONOPHOSPHATE"    ? 'C10 H14 N5 O6 P' 331.222 
DC  'DNA linking' y "2'-DEOXYCYTIDINE-5'-MONOPHOSPHATE"     ? 'C9 H14 N3 O7 P'  307.197 
DG  'DNA linking' y "2'-DEOXYGUANOSINE-5'-MONOPHOSPHATE"    ? 'C10 H14 N5 O7 P' 347.221 
DT  'DNA linking' y "THYMIDINE-5'-MONOPHOSPHATE"            ? 'C10 H15 N2 O8 P' 322.208 
HOH non-polymer   . WATER                                   ? 'H2 O'            18.015  
# 
loop_
_pdbx_poly_seq_scheme.asym_id 
_pdbx_poly_seq_scheme.entity_id 
_pdbx_poly_seq_scheme.seq_id 
_pdbx_poly_seq_scheme.mon_id 
_pdbx_poly_seq_scheme.ndb_seq_num 
_pdbx_poly_seq_scheme.pdb_seq_num 
_pdbx_poly_seq_scheme.auth_seq_num 
_pdbx_poly_seq_scheme.pdb_mon_id 
_pdbx_poly_seq_scheme.auth_mon_id 
_pdbx_poly_seq_scheme.pdb_strand_id 
_pdbx_poly_seq_scheme.pdb_ins_code 
_pdbx_poly_seq_scheme.hetero 
A 1 1  DC  1  1  1  DC  C  A . n 
A 1 2  DG  2  2  2  DG  G  A . n 
A 1 3  DC  3  3  3  DC  C  A . n 
A 1 4  6OG 4  4  4  6OG +G A . n 
A 1 5  DA  5  5  5  DA  A  A . n 
A 1 6  DA  6  6  6  DA  A  A . n 
A 1 7  DT  7  7  7  DT  T  A . n 
A 1 8  DT  8  8  8  DT  T  A . n 
A 1 9  DT  9  9  9  DT  T  A . n 
A 1 10 DG  10 10 10 DG  G  A . n 
A 1 11 DC  11 11 11 DC  C  A . n 
A 1 12 DG  12 12 12 DG  G  A . n 
B 1 1  DC  1  13 13 DC  C  B . n 
B 1 2  DG  2  14 14 DG  G  B . n 
B 1 3  DC  3  15 15 DC  C  B . n 
B 1 4  6OG 4  16 16 6OG +G B . n 
B 1 5  DA  5  17 17 DA  A  B . n 
B 1 6  DA  6  18 18 DA  A  B . n 
B 1 7  DT  7  19 19 DT  T  B . n 
B 1 8  DT  8  20 20 DT  T  B . n 
B 1 9  DT  9  21 21 DT  T  B . n 
B 1 10 DG  10 22 22 DG  G  B . n 
B 1 11 DC  11 23 23 DC  C  B . n 
B 1 12 DG  12 24 24 DG  G  B . n 
# 
loop_
_pdbx_nonpoly_scheme.asym_id 
_pdbx_nonpoly_scheme.entity_id 
_pdbx_nonpoly_scheme.mon_id 
_pdbx_nonpoly_scheme.ndb_seq_num 
_pdbx_nonpoly_scheme.pdb_seq_num 
_pdbx_nonpoly_scheme.auth_seq_num 
_pdbx_nonpoly_scheme.pdb_mon_id 
_pdbx_nonpoly_scheme.auth_mon_id 
_pdbx_nonpoly_scheme.pdb_strand_id 
_pdbx_nonpoly_scheme.pdb_ins_code 
C 2 HOH 1  25 25 HOH HOH A . 
C 2 HOH 2  26 26 HOH HOH A . 
C 2 HOH 3  27 27 HOH HOH A . 
C 2 HOH 4  29 29 HOH HOH A . 
C 2 HOH 5  31 31 HOH HOH A . 
C 2 HOH 6  32 32 HOH HOH A . 
C 2 HOH 7  33 33 HOH HOH A . 
C 2 HOH 8  34 34 HOH HOH A . 
C 2 HOH 9  35 35 HOH HOH A . 
C 2 HOH 10 37 37 HOH HOH A . 
C 2 HOH 11 39 39 HOH HOH A . 
C 2 HOH 12 40 40 HOH HOH A . 
C 2 HOH 13 42 42 HOH HOH A . 
C 2 HOH 14 50 50 HOH HOH A . 
C 2 HOH 15 51 51 HOH HOH A . 
C 2 HOH 16 53 53 HOH HOH A . 
C 2 HOH 17 55 55 HOH HOH A . 
C 2 HOH 18 57 57 HOH HOH A . 
C 2 HOH 19 58 58 HOH HOH A . 
C 2 HOH 20 59 59 HOH HOH A . 
C 2 HOH 21 64 64 HOH HOH A . 
C 2 HOH 22 67 67 HOH HOH A . 
C 2 HOH 23 70 70 HOH HOH A . 
C 2 HOH 24 71 71 HOH HOH A . 
C 2 HOH 25 73 73 HOH HOH A . 
C 2 HOH 26 75 75 HOH HOH A . 
C 2 HOH 27 79 79 HOH HOH A . 
C 2 HOH 28 80 80 HOH HOH A . 
C 2 HOH 29 85 85 HOH HOH A . 
C 2 HOH 30 86 86 HOH HOH A . 
C 2 HOH 31 88 88 HOH HOH A . 
C 2 HOH 32 90 90 HOH HOH A . 
C 2 HOH 33 91 91 HOH HOH A . 
C 2 HOH 34 92 92 HOH HOH A . 
C 2 HOH 35 93 93 HOH HOH A . 
D 2 HOH 1  28 28 HOH HOH B . 
D 2 HOH 2  30 30 HOH HOH B . 
D 2 HOH 3  36 36 HOH HOH B . 
D 2 HOH 4  38 38 HOH HOH B . 
D 2 HOH 5  41 41 HOH HOH B . 
D 2 HOH 6  43 43 HOH HOH B . 
D 2 HOH 7  44 44 HOH HOH B . 
D 2 HOH 8  45 45 HOH HOH B . 
D 2 HOH 9  46 46 HOH HOH B . 
D 2 HOH 10 47 47 HOH HOH B . 
D 2 HOH 11 48 48 HOH HOH B . 
D 2 HOH 12 49 49 HOH HOH B . 
D 2 HOH 13 52 52 HOH HOH B . 
D 2 HOH 14 54 54 HOH HOH B . 
D 2 HOH 15 56 56 HOH HOH B . 
D 2 HOH 16 60 60 HOH HOH B . 
D 2 HOH 17 61 61 HOH HOH B . 
D 2 HOH 18 62 62 HOH HOH B . 
D 2 HOH 19 63 63 HOH HOH B . 
D 2 HOH 20 65 65 HOH HOH B . 
D 2 HOH 21 66 66 HOH HOH B . 
D 2 HOH 22 68 68 HOH HOH B . 
D 2 HOH 23 69 69 HOH HOH B . 
D 2 HOH 24 72 72 HOH HOH B . 
D 2 HOH 25 74 74 HOH HOH B . 
D 2 HOH 26 76 76 HOH HOH B . 
D 2 HOH 27 77 77 HOH HOH B . 
D 2 HOH 28 78 78 HOH HOH B . 
D 2 HOH 29 81 81 HOH HOH B . 
D 2 HOH 30 82 82 HOH HOH B . 
D 2 HOH 31 83 83 HOH HOH B . 
D 2 HOH 32 84 84 HOH HOH B . 
D 2 HOH 33 87 87 HOH HOH B . 
D 2 HOH 34 89 89 HOH HOH B . 
# 
_software.name             NUCLSQ 
_software.classification   refinement 
_software.version          . 
_software.citation_id      ? 
_software.pdbx_ordinal     1 
# 
_cell.entry_id           1D27 
_cell.length_a           25.440 
_cell.length_b           40.700 
_cell.length_c           65.990 
_cell.angle_alpha        90.00 
_cell.angle_beta         90.00 
_cell.angle_gamma        90.00 
_cell.Z_PDB              8 
_cell.pdbx_unique_axis   ? 
# 
_symmetry.entry_id                         1D27 
_symmetry.space_group_name_H-M             'P 21 21 21' 
_symmetry.pdbx_full_space_group_name_H-M   ? 
_symmetry.cell_setting                     ? 
_symmetry.Int_Tables_number                19 
# 
_exptl.entry_id          1D27 
_exptl.method            'X-RAY DIFFRACTION' 
_exptl.crystals_number   ? 
# 
_exptl_crystal.id                    1 
_exptl_crystal.density_meas          ? 
_exptl_crystal.density_Matthews      2.31 
_exptl_crystal.density_percent_sol   46.82 
_exptl_crystal.description           ? 
# 
_exptl_crystal_grow.crystal_id      1 
_exptl_crystal_grow.method          'VAPOR DIFFUSION' 
_exptl_crystal_grow.temp            277.00 
_exptl_crystal_grow.temp_details    ? 
_exptl_crystal_grow.pH              6.30 
_exptl_crystal_grow.pdbx_details    'pH 6.30, VAPOR DIFFUSION, temperature 277.00K' 
_exptl_crystal_grow.pdbx_pH_range   ? 
# 
loop_
_exptl_crystal_grow_comp.crystal_id 
_exptl_crystal_grow_comp.id 
_exptl_crystal_grow_comp.sol_id 
_exptl_crystal_grow_comp.name 
_exptl_crystal_grow_comp.volume 
_exptl_crystal_grow_comp.conc 
_exptl_crystal_grow_comp.details 
1 1 1 WATER             ? ? ? 
1 2 1 'HEXYLENE GLYCOL' ? ? ? 
1 3 1 MGCL2             ? ? ? 
1 4 1 SPERMINE          ? ? ? 
1 5 1 'NA CACODYLATE'   ? ? ? 
# 
loop_
_diffrn.id 
_diffrn.crystal_id 
_diffrn.ambient_temp 
_diffrn.ambient_temp_details 
1 1 ? ? 
2 1 ? ? 
3 1 ? ? 
# 
loop_
_diffrn_detector.diffrn_id 
_diffrn_detector.detector 
_diffrn_detector.type 
_diffrn_detector.pdbx_collection_date 
_diffrn_detector.details 
1 DIFFRACTOMETER  ?                      ? ? 
2 'AREA DETECTOR' 'SIEMENS-NICOLET X100' ? ? 
3 DIFFRACTOMETER  'STOE-SIEMENS AED2'    ? ? 
# 
loop_
_diffrn_radiation.diffrn_id 
_diffrn_radiation.wavelength_id 
_diffrn_radiation.pdbx_monochromatic_or_laue_m_l 
_diffrn_radiation.monochromator 
_diffrn_radiation.pdbx_diffrn_protocol 
_diffrn_radiation.pdbx_scattering_type 
1 1 ? ? ? x-ray 
2 2 ? ? ? x-ray 
3 3 ? ? ? x-ray 
# 
loop_
_diffrn_radiation_wavelength.id 
_diffrn_radiation_wavelength.wavelength 
_diffrn_radiation_wavelength.wt 
1 . 1.0 
2 . 1.0 
3 . 1.0 
# 
loop_
_diffrn_source.diffrn_id 
_diffrn_source.source 
_diffrn_source.type 
_diffrn_source.pdbx_synchrotron_site 
_diffrn_source.pdbx_synchrotron_beamline 
_diffrn_source.pdbx_wavelength 
_diffrn_source.pdbx_wavelength_list 
1 'ROTATING ANODE' ? ? ? ? ? 
2 ?                ? ? ? ? ? 
3 ?                ? ? ? ? ? 
# 
_reflns.entry_id                     1D27 
_reflns.observed_criterion_sigma_I   ? 
_reflns.observed_criterion_sigma_F   ? 
_reflns.d_resolution_low             ? 
_reflns.d_resolution_high            2.000 
_reflns.number_obs                   4557 
_reflns.number_all                   ? 
_reflns.percent_possible_obs         ? 
_reflns.pdbx_Rmerge_I_obs            ? 
_reflns.pdbx_Rsym_value              ? 
_reflns.pdbx_netI_over_sigmaI        ? 
_reflns.B_iso_Wilson_estimate        ? 
_reflns.pdbx_redundancy              ? 
_reflns.pdbx_diffrn_id               1,2,3 
_reflns.pdbx_ordinal                 1 
# 
_refine.entry_id                                 1D27 
_refine.ls_number_reflns_obs                     3118 
_refine.ls_number_reflns_all                     ? 
_refine.pdbx_ls_sigma_I                          ? 
_refine.pdbx_ls_sigma_F                          3.000 
_refine.pdbx_data_cutoff_high_absF               ? 
_refine.pdbx_data_cutoff_low_absF                ? 
_refine.pdbx_data_cutoff_high_rms_absF           ? 
_refine.ls_d_res_low                             7.000 
_refine.ls_d_res_high                            2.000 
_refine.ls_percent_reflns_obs                    ? 
_refine.ls_R_factor_obs                          0.185 
_refine.ls_R_factor_all                          ? 
_refine.ls_R_factor_R_work                       ? 
_refine.ls_R_factor_R_free                       ? 
_refine.ls_R_factor_R_free_error                 ? 
_refine.ls_R_factor_R_free_error_details         ? 
_refine.ls_percent_reflns_R_free                 ? 
_refine.ls_number_reflns_R_free                  ? 
_refine.ls_number_parameters                     ? 
_refine.ls_number_restraints                     ? 
_refine.occupancy_min                            ? 
_refine.occupancy_max                            ? 
_refine.B_iso_mean                               ? 
_refine.aniso_B[1][1]                            ? 
_refine.aniso_B[2][2]                            ? 
_refine.aniso_B[3][3]                            ? 
_refine.aniso_B[1][2]                            ? 
_refine.aniso_B[1][3]                            ? 
_refine.aniso_B[2][3]                            ? 
_refine.solvent_model_details                    ? 
_refine.solvent_model_param_ksol                 ? 
_refine.solvent_model_param_bsol                 ? 
_refine.pdbx_ls_cross_valid_method               ? 
_refine.details                                  ? 
_refine.pdbx_starting_model                      ? 
_refine.pdbx_method_to_determine_struct          ? 
_refine.pdbx_isotropic_thermal_model             ? 
_refine.pdbx_stereochemistry_target_values       ? 
_refine.pdbx_stereochem_target_val_spec_case     ? 
_refine.pdbx_R_Free_selection_details            ? 
_refine.pdbx_overall_ESU_R                       ? 
_refine.pdbx_overall_ESU_R_Free                  ? 
_refine.overall_SU_ML                            ? 
_refine.overall_SU_B                             ? 
_refine.pdbx_refine_id                           'X-RAY DIFFRACTION' 
_refine.pdbx_diffrn_id                           1 
_refine.pdbx_TLS_residual_ADP_flag               ? 
_refine.correlation_coeff_Fo_to_Fc               ? 
_refine.correlation_coeff_Fo_to_Fc_free          ? 
_refine.pdbx_solvent_vdw_probe_radii             ? 
_refine.pdbx_solvent_ion_probe_radii             ? 
_refine.pdbx_solvent_shrinkage_radii             ? 
_refine.pdbx_overall_phase_error                 ? 
_refine.overall_SU_R_Cruickshank_DPI             ? 
_refine.pdbx_overall_SU_R_free_Cruickshank_DPI   ? 
_refine.pdbx_overall_SU_R_Blow_DPI               ? 
_refine.pdbx_overall_SU_R_free_Blow_DPI          ? 
# 
_refine_hist.pdbx_refine_id                   'X-RAY DIFFRACTION' 
_refine_hist.cycle_id                         LAST 
_refine_hist.pdbx_number_atoms_protein        0 
_refine_hist.pdbx_number_atoms_nucleic_acid   488 
_refine_hist.pdbx_number_atoms_ligand         2 
_refine_hist.number_atoms_solvent             69 
_refine_hist.number_atoms_total               559 
_refine_hist.d_res_high                       2.000 
_refine_hist.d_res_low                        7.000 
# 
loop_
_refine_ls_restr.type 
_refine_ls_restr.dev_ideal 
_refine_ls_restr.dev_ideal_target 
_refine_ls_restr.weight 
_refine_ls_restr.number 
_refine_ls_restr.pdbx_refine_id 
_refine_ls_restr.pdbx_restraint_function 
n_bond_d               ?     ? ? ? 'X-RAY DIFFRACTION' ? 
n_angle_d              ?     ? ? ? 'X-RAY DIFFRACTION' ? 
n_planar_d             ?     ? ? ? 'X-RAY DIFFRACTION' ? 
n_hb_or_metal_coord    ?     ? ? ? 'X-RAY DIFFRACTION' ? 
n_sugar_bond_it        ?     ? ? ? 'X-RAY DIFFRACTION' ? 
n_sugar_angle_it       ?     ? ? ? 'X-RAY DIFFRACTION' ? 
n_phos_bond_it         ?     ? ? ? 'X-RAY DIFFRACTION' ? 
n_phos_angle_it        ?     ? ? ? 'X-RAY DIFFRACTION' ? 
n_bond_angle_restr     ?     ? ? ? 'X-RAY DIFFRACTION' ? 
n_dihedral_angle_restr ?     ? ? ? 'X-RAY DIFFRACTION' ? 
n_impr_tor             ?     ? ? ? 'X-RAY DIFFRACTION' ? 
n_sugar_bond_d         0.011 ? ? ? 'X-RAY DIFFRACTION' ? 
n_sugar_bond_angle_d   0.031 ? ? ? 'X-RAY DIFFRACTION' ? 
n_phos_bond_d          0.013 ? ? ? 'X-RAY DIFFRACTION' ? 
n_phos_bond_angle_d    0.029 ? ? ? 'X-RAY DIFFRACTION' ? 
n_plane_restr          ?     ? ? ? 'X-RAY DIFFRACTION' ? 
n_chiral_restr         ?     ? ? ? 'X-RAY DIFFRACTION' ? 
n_singtor_nbd          ?     ? ? ? 'X-RAY DIFFRACTION' ? 
n_multtor_nbd          ?     ? ? ? 'X-RAY DIFFRACTION' ? 
n_xhyhbond_nbd         ?     ? ? ? 'X-RAY DIFFRACTION' ? 
# 
_struct.entry_id                  1D27 
_struct.title                     'HIGH-RESOLUTION STRUCTURE OF A MUTAGENIC LESION IN DNA' 
_struct.pdbx_model_details        ? 
_struct.pdbx_CASP_flag            ? 
_struct.pdbx_model_type_details   ? 
# 
_struct_keywords.entry_id        1D27 
_struct_keywords.pdbx_keywords   DNA 
_struct_keywords.text            'B-DNA, DOUBLE HELIX, MODIFIED, MISMATCHED, DNA' 
# 
loop_
_struct_asym.id 
_struct_asym.pdbx_blank_PDB_chainid_flag 
_struct_asym.pdbx_modified 
_struct_asym.entity_id 
_struct_asym.details 
A N N 1 ? 
B N N 1 ? 
C N N 2 ? 
D N N 2 ? 
# 
_struct_ref.id                         1 
_struct_ref.entity_id                  1 
_struct_ref.db_name                    PDB 
_struct_ref.db_code                    1D27 
_struct_ref.pdbx_db_accession          1D27 
_struct_ref.pdbx_db_isoform            ? 
_struct_ref.pdbx_seq_one_letter_code   ? 
_struct_ref.pdbx_align_begin           ? 
# 
loop_
_struct_ref_seq.align_id 
_struct_ref_seq.ref_id 
_struct_ref_seq.pdbx_PDB_id_code 
_struct_ref_seq.pdbx_strand_id 
_struct_ref_seq.seq_align_beg 
_struct_ref_seq.pdbx_seq_align_beg_ins_code 
_struct_ref_seq.seq_align_end 
_struct_ref_seq.pdbx_seq_align_end_ins_code 
_struct_ref_seq.pdbx_db_accession 
_struct_ref_seq.db_align_beg 
_struct_ref_seq.pdbx_db_align_beg_ins_code 
_struct_ref_seq.db_align_end 
_struct_ref_seq.pdbx_db_align_end_ins_code 
_struct_ref_seq.pdbx_auth_seq_align_beg 
_struct_ref_seq.pdbx_auth_seq_align_end 
1 1 1D27 A 1 ? 12 ? 1D27 1  ? 12 ? 1  12 
2 1 1D27 B 1 ? 12 ? 1D27 13 ? 24 ? 13 24 
# 
_pdbx_struct_assembly.id                   1 
_pdbx_struct_assembly.details              author_defined_assembly 
_pdbx_struct_assembly.method_details       ? 
_pdbx_struct_assembly.oligomeric_details   dimeric 
_pdbx_struct_assembly.oligomeric_count     2 
# 
_pdbx_struct_assembly_gen.assembly_id       1 
_pdbx_struct_assembly_gen.oper_expression   1 
_pdbx_struct_assembly_gen.asym_id_list      A,B,C,D 
# 
_pdbx_struct_oper_list.id                   1 
_pdbx_struct_oper_list.type                 'identity operation' 
_pdbx_struct_oper_list.name                 1_555 
_pdbx_struct_oper_list.symmetry_operation   x,y,z 
_pdbx_struct_oper_list.matrix[1][1]         1.0000000000 
_pdbx_struct_oper_list.matrix[1][2]         0.0000000000 
_pdbx_struct_oper_list.matrix[1][3]         0.0000000000 
_pdbx_struct_oper_list.vector[1]            0.0000000000 
_pdbx_struct_oper_list.matrix[2][1]         0.0000000000 
_pdbx_struct_oper_list.matrix[2][2]         1.0000000000 
_pdbx_struct_oper_list.matrix[2][3]         0.0000000000 
_pdbx_struct_oper_list.vector[2]            0.0000000000 
_pdbx_struct_oper_list.matrix[3][1]         0.0000000000 
_pdbx_struct_oper_list.matrix[3][2]         0.0000000000 
_pdbx_struct_oper_list.matrix[3][3]         1.0000000000 
_pdbx_struct_oper_list.vector[3]            0.0000000000 
# 
_struct_biol.id   1 
# 
loop_
_struct_conn.id 
_struct_conn.conn_type_id 
_struct_conn.pdbx_leaving_atom_flag 
_struct_conn.pdbx_PDB_id 
_struct_conn.ptnr1_label_asym_id 
_struct_conn.ptnr1_label_comp_id 
_struct_conn.ptnr1_label_seq_id 
_struct_conn.ptnr1_label_atom_id 
_struct_conn.pdbx_ptnr1_label_alt_id 
_struct_conn.pdbx_ptnr1_PDB_ins_code 
_struct_conn.pdbx_ptnr1_standard_comp_id 
_struct_conn.ptnr1_symmetry 
_struct_conn.ptnr2_label_asym_id 
_struct_conn.ptnr2_label_comp_id 
_struct_conn.ptnr2_label_seq_id 
_struct_conn.ptnr2_label_atom_id 
_struct_conn.pdbx_ptnr2_label_alt_id 
_struct_conn.pdbx_ptnr2_PDB_ins_code 
_struct_conn.ptnr1_auth_asym_id 
_struct_conn.ptnr1_auth_comp_id 
_struct_conn.ptnr1_auth_seq_id 
_struct_conn.ptnr2_auth_asym_id 
_struct_conn.ptnr2_auth_comp_id 
_struct_conn.ptnr2_auth_seq_id 
_struct_conn.ptnr2_symmetry 
_struct_conn.pdbx_ptnr3_label_atom_id 
_struct_conn.pdbx_ptnr3_label_seq_id 
_struct_conn.pdbx_ptnr3_label_comp_id 
_struct_conn.pdbx_ptnr3_label_asym_id 
_struct_conn.pdbx_ptnr3_label_alt_id 
_struct_conn.pdbx_ptnr3_PDB_ins_code 
_struct_conn.details 
_struct_conn.pdbx_dist_value 
_struct_conn.pdbx_value_order 
_struct_conn.pdbx_role 
covale1  covale both ? A DC  3  "O3'" ? ? ? 1_555 A 6OG 4  P  ? ? A DC  3  A 6OG 4  1_555 ? ? ? ? ? ? ?                1.610 ? ? 
covale2  covale one  ? A 6OG 4  "O3'" ? ? ? 1_555 A DA  5  P  ? ? A 6OG 4  A DA  5  1_555 ? ? ? ? ? ? ?                1.600 ? ? 
covale3  covale both ? B DC  3  "O3'" ? ? ? 1_555 B 6OG 4  P  ? ? B DC  15 B 6OG 16 1_555 ? ? ? ? ? ? ?                1.628 ? ? 
covale4  covale one  ? B 6OG 4  "O3'" ? ? ? 1_555 B DA  5  P  ? ? B 6OG 16 B DA  17 1_555 ? ? ? ? ? ? ?                1.576 ? ? 
hydrog1  hydrog ?    ? A DC  1  N3    ? ? ? 1_555 B DG  12 N1 ? ? A DC  1  B DG  24 1_555 ? ? ? ? ? ? WATSON-CRICK     ?     ? ? 
hydrog2  hydrog ?    ? A DC  1  N4    ? ? ? 1_555 B DG  12 O6 ? ? A DC  1  B DG  24 1_555 ? ? ? ? ? ? WATSON-CRICK     ?     ? ? 
hydrog3  hydrog ?    ? A DC  1  O2    ? ? ? 1_555 B DG  12 N2 ? ? A DC  1  B DG  24 1_555 ? ? ? ? ? ? WATSON-CRICK     ?     ? ? 
hydrog4  hydrog ?    ? A DG  2  N1    ? ? ? 1_555 B DC  11 N3 ? ? A DG  2  B DC  23 1_555 ? ? ? ? ? ? WATSON-CRICK     ?     ? ? 
hydrog5  hydrog ?    ? A DG  2  N2    ? ? ? 1_555 B DC  11 O2 ? ? A DG  2  B DC  23 1_555 ? ? ? ? ? ? WATSON-CRICK     ?     ? ? 
hydrog6  hydrog ?    ? A DG  2  O6    ? ? ? 1_555 B DC  11 N4 ? ? A DG  2  B DC  23 1_555 ? ? ? ? ? ? WATSON-CRICK     ?     ? ? 
hydrog7  hydrog ?    ? A DC  3  N3    ? ? ? 1_555 B DG  10 N1 ? ? A DC  3  B DG  22 1_555 ? ? ? ? ? ? WATSON-CRICK     ?     ? ? 
hydrog8  hydrog ?    ? A DC  3  N4    ? ? ? 1_555 B DG  10 O6 ? ? A DC  3  B DG  22 1_555 ? ? ? ? ? ? WATSON-CRICK     ?     ? ? 
hydrog9  hydrog ?    ? A DC  3  O2    ? ? ? 1_555 B DG  10 N2 ? ? A DC  3  B DG  22 1_555 ? ? ? ? ? ? WATSON-CRICK     ?     ? ? 
hydrog10 hydrog ?    ? A 6OG 4  N2    ? ? ? 1_555 B DT  9  O2 ? ? A 6OG 4  B DT  21 1_555 ? ? ? ? ? ? '6OG-DT MISPAIR' ?     ? ? 
hydrog11 hydrog ?    ? A DA  5  N1    ? ? ? 1_555 B DT  8  N3 ? ? A DA  5  B DT  20 1_555 ? ? ? ? ? ? WATSON-CRICK     ?     ? ? 
hydrog12 hydrog ?    ? A DA  5  N6    ? ? ? 1_555 B DT  8  O4 ? ? A DA  5  B DT  20 1_555 ? ? ? ? ? ? WATSON-CRICK     ?     ? ? 
hydrog13 hydrog ?    ? A DA  6  N1    ? ? ? 1_555 B DT  7  N3 ? ? A DA  6  B DT  19 1_555 ? ? ? ? ? ? WATSON-CRICK     ?     ? ? 
hydrog14 hydrog ?    ? A DA  6  N6    ? ? ? 1_555 B DT  7  O4 ? ? A DA  6  B DT  19 1_555 ? ? ? ? ? ? WATSON-CRICK     ?     ? ? 
hydrog15 hydrog ?    ? A DT  7  N3    ? ? ? 1_555 B DA  6  N1 ? ? A DT  7  B DA  18 1_555 ? ? ? ? ? ? WATSON-CRICK     ?     ? ? 
hydrog16 hydrog ?    ? A DT  7  O4    ? ? ? 1_555 B DA  6  N6 ? ? A DT  7  B DA  18 1_555 ? ? ? ? ? ? WATSON-CRICK     ?     ? ? 
hydrog17 hydrog ?    ? A DT  8  N3    ? ? ? 1_555 B DA  5  N1 ? ? A DT  8  B DA  17 1_555 ? ? ? ? ? ? WATSON-CRICK     ?     ? ? 
hydrog18 hydrog ?    ? A DT  8  O4    ? ? ? 1_555 B DA  5  N6 ? ? A DT  8  B DA  17 1_555 ? ? ? ? ? ? WATSON-CRICK     ?     ? ? 
hydrog19 hydrog ?    ? A DT  9  N3    ? ? ? 1_555 B 6OG 4  O6 ? ? A DT  9  B 6OG 16 1_555 ? ? ? ? ? ? TYPE_28_PAIR     ?     ? ? 
hydrog20 hydrog ?    ? A DT  9  O2    ? ? ? 1_555 B 6OG 4  N1 ? ? A DT  9  B 6OG 16 1_555 ? ? ? ? ? ? TYPE_28_PAIR     ?     ? ? 
hydrog21 hydrog ?    ? A DG  10 N1    ? ? ? 1_555 B DC  3  N3 ? ? A DG  10 B DC  15 1_555 ? ? ? ? ? ? WATSON-CRICK     ?     ? ? 
hydrog22 hydrog ?    ? A DG  10 N2    ? ? ? 1_555 B DC  3  O2 ? ? A DG  10 B DC  15 1_555 ? ? ? ? ? ? WATSON-CRICK     ?     ? ? 
hydrog23 hydrog ?    ? A DG  10 O6    ? ? ? 1_555 B DC  3  N4 ? ? A DG  10 B DC  15 1_555 ? ? ? ? ? ? WATSON-CRICK     ?     ? ? 
hydrog24 hydrog ?    ? A DC  11 N3    ? ? ? 1_555 B DG  2  N1 ? ? A DC  11 B DG  14 1_555 ? ? ? ? ? ? WATSON-CRICK     ?     ? ? 
hydrog25 hydrog ?    ? A DC  11 N4    ? ? ? 1_555 B DG  2  O6 ? ? A DC  11 B DG  14 1_555 ? ? ? ? ? ? WATSON-CRICK     ?     ? ? 
hydrog26 hydrog ?    ? A DC  11 O2    ? ? ? 1_555 B DG  2  N2 ? ? A DC  11 B DG  14 1_555 ? ? ? ? ? ? WATSON-CRICK     ?     ? ? 
hydrog27 hydrog ?    ? A DG  12 N1    ? ? ? 1_555 B DC  1  N3 ? ? A DG  12 B DC  13 1_555 ? ? ? ? ? ? WATSON-CRICK     ?     ? ? 
hydrog28 hydrog ?    ? A DG  12 N2    ? ? ? 1_555 B DC  1  O2 ? ? A DG  12 B DC  13 1_555 ? ? ? ? ? ? WATSON-CRICK     ?     ? ? 
hydrog29 hydrog ?    ? A DG  12 O6    ? ? ? 1_555 B DC  1  N4 ? ? A DG  12 B DC  13 1_555 ? ? ? ? ? ? WATSON-CRICK     ?     ? ? 
# 
loop_
_struct_conn_type.id 
_struct_conn_type.criteria 
_struct_conn_type.reference 
covale ? ? 
hydrog ? ? 
# 
_pdbx_validate_symm_contact.id                1 
_pdbx_validate_symm_contact.PDB_model_num     1 
_pdbx_validate_symm_contact.auth_atom_id_1    O 
_pdbx_validate_symm_contact.auth_asym_id_1    A 
_pdbx_validate_symm_contact.auth_comp_id_1    HOH 
_pdbx_validate_symm_contact.auth_seq_id_1     40 
_pdbx_validate_symm_contact.PDB_ins_code_1    ? 
_pdbx_validate_symm_contact.label_alt_id_1    ? 
_pdbx_validate_symm_contact.site_symmetry_1   1_555 
_pdbx_validate_symm_contact.auth_atom_id_2    O 
_pdbx_validate_symm_contact.auth_asym_id_2    A 
_pdbx_validate_symm_contact.auth_comp_id_2    HOH 
_pdbx_validate_symm_contact.auth_seq_id_2     73 
_pdbx_validate_symm_contact.PDB_ins_code_2    ? 
_pdbx_validate_symm_contact.label_alt_id_2    ? 
_pdbx_validate_symm_contact.site_symmetry_2   3_645 
_pdbx_validate_symm_contact.dist              2.02 
# 
loop_
_pdbx_validate_rmsd_bond.id 
_pdbx_validate_rmsd_bond.PDB_model_num 
_pdbx_validate_rmsd_bond.auth_atom_id_1 
_pdbx_validate_rmsd_bond.auth_asym_id_1 
_pdbx_validate_rmsd_bond.auth_comp_id_1 
_pdbx_validate_rmsd_bond.auth_seq_id_1 
_pdbx_validate_rmsd_bond.PDB_ins_code_1 
_pdbx_validate_rmsd_bond.label_alt_id_1 
_pdbx_validate_rmsd_bond.auth_atom_id_2 
_pdbx_validate_rmsd_bond.auth_asym_id_2 
_pdbx_validate_rmsd_bond.auth_comp_id_2 
_pdbx_validate_rmsd_bond.auth_seq_id_2 
_pdbx_validate_rmsd_bond.PDB_ins_code_2 
_pdbx_validate_rmsd_bond.label_alt_id_2 
_pdbx_validate_rmsd_bond.bond_value 
_pdbx_validate_rmsd_bond.bond_target_value 
_pdbx_validate_rmsd_bond.bond_deviation 
_pdbx_validate_rmsd_bond.bond_standard_deviation 
_pdbx_validate_rmsd_bond.linker_flag 
1 1 "O4'" A DC 3  ? ? "C1'" A DC 3  ? ? 1.499 1.420 0.079 0.011 N 
2 1 "O4'" B DT 19 ? ? "C1'" B DT 19 ? ? 1.502 1.420 0.082 0.011 N 
# 
loop_
_pdbx_validate_rmsd_angle.id 
_pdbx_validate_rmsd_angle.PDB_model_num 
_pdbx_validate_rmsd_angle.auth_atom_id_1 
_pdbx_validate_rmsd_angle.auth_asym_id_1 
_pdbx_validate_rmsd_angle.auth_comp_id_1 
_pdbx_validate_rmsd_angle.auth_seq_id_1 
_pdbx_validate_rmsd_angle.PDB_ins_code_1 
_pdbx_validate_rmsd_angle.label_alt_id_1 
_pdbx_validate_rmsd_angle.auth_atom_id_2 
_pdbx_validate_rmsd_angle.auth_asym_id_2 
_pdbx_validate_rmsd_angle.auth_comp_id_2 
_pdbx_validate_rmsd_angle.auth_seq_id_2 
_pdbx_validate_rmsd_angle.PDB_ins_code_2 
_pdbx_validate_rmsd_angle.label_alt_id_2 
_pdbx_validate_rmsd_angle.auth_atom_id_3 
_pdbx_validate_rmsd_angle.auth_asym_id_3 
_pdbx_validate_rmsd_angle.auth_comp_id_3 
_pdbx_validate_rmsd_angle.auth_seq_id_3 
_pdbx_validate_rmsd_angle.PDB_ins_code_3 
_pdbx_validate_rmsd_angle.label_alt_id_3 
_pdbx_validate_rmsd_angle.angle_value 
_pdbx_validate_rmsd_angle.angle_target_value 
_pdbx_validate_rmsd_angle.angle_deviation 
_pdbx_validate_rmsd_angle.angle_standard_deviation 
_pdbx_validate_rmsd_angle.linker_flag 
1  1 "C3'" A DC  1  ? ? "C2'" A DC  1  ? ? "C1'" A DC 1  ? ? 96.11  102.40 -6.29  0.80 N 
2  1 "O4'" A DC  1  ? ? "C1'" A DC  1  ? ? "C2'" A DC 1  ? ? 99.98  105.90 -5.92  0.80 N 
3  1 "O5'" A DG  2  ? ? "C5'" A DG  2  ? ? "C4'" A DG 2  ? ? 103.83 109.40 -5.57  0.80 N 
4  1 "O4'" A DG  2  ? ? "C1'" A DG  2  ? ? "C2'" A DG 2  ? ? 99.30  105.90 -6.60  0.80 N 
5  1 "C3'" A DG  2  ? ? "O3'" A DG  2  ? ? P     A DC 3  ? ? 127.37 119.70 7.67   1.20 Y 
6  1 "O5'" A DC  3  ? ? "C5'" A DC  3  ? ? "C4'" A DC 3  ? ? 101.82 109.40 -7.58  0.80 N 
7  1 "O4'" A DC  3  ? ? "C4'" A DC  3  ? ? "C3'" A DC 3  ? ? 101.52 104.50 -2.98  0.40 N 
8  1 "C1'" A DC  3  ? ? "O4'" A DC  3  ? ? "C4'" A DC 3  ? ? 103.06 110.10 -7.04  1.00 N 
9  1 "O4'" A DC  3  ? ? "C1'" A DC  3  ? ? "C2'" A DC 3  ? ? 98.10  105.90 -7.80  0.80 N 
10 1 "O4'" A DC  3  ? ? "C1'" A DC  3  ? ? N1    A DC 3  ? ? 101.05 108.00 -6.95  0.70 N 
11 1 "O5'" A DA  5  ? ? "C5'" A DA  5  ? ? "C4'" A DA 5  ? ? 102.71 109.40 -6.69  0.80 N 
12 1 "O4'" A DA  5  ? ? "C1'" A DA  5  ? ? "C2'" A DA 5  ? ? 97.51  105.90 -8.39  0.80 N 
13 1 C6    A DA  5  ? ? N1    A DA  5  ? ? C2    A DA 5  ? ? 123.07 118.60 4.47   0.60 N 
14 1 N1    A DA  5  ? ? C2    A DA  5  ? ? N3    A DA 5  ? ? 123.81 129.30 -5.49  0.50 N 
15 1 C5    A DA  5  ? ? C6    A DA  5  ? ? N1    A DA 5  ? ? 114.57 117.70 -3.13  0.50 N 
16 1 "O5'" A DA  6  ? ? "C5'" A DA  6  ? ? "C4'" A DA 6  ? ? 102.27 109.40 -7.13  0.80 N 
17 1 C6    A DA  6  ? ? N1    A DA  6  ? ? C2    A DA 6  ? ? 122.68 118.60 4.08   0.60 N 
18 1 N1    A DA  6  ? ? C2    A DA  6  ? ? N3    A DA 6  ? ? 125.02 129.30 -4.28  0.50 N 
19 1 "O5'" A DT  7  ? ? "C5'" A DT  7  ? ? "C4'" A DT 7  ? ? 103.46 109.40 -5.94  0.80 N 
20 1 "C1'" A DT  7  ? ? "O4'" A DT  7  ? ? "C4'" A DT 7  ? ? 101.59 110.10 -8.51  1.00 N 
21 1 "O4'" A DT  7  ? ? "C1'" A DT  7  ? ? "C2'" A DT 7  ? ? 97.33  105.90 -8.57  0.80 N 
22 1 C2    A DT  7  ? ? N3    A DT  7  ? ? C4    A DT 7  ? ? 121.41 127.20 -5.79  0.60 N 
23 1 N3    A DT  7  ? ? C4    A DT  7  ? ? C5    A DT 7  ? ? 119.52 115.20 4.32   0.60 N 
24 1 N3    A DT  7  ? ? C4    A DT  7  ? ? O4    A DT 7  ? ? 115.61 119.90 -4.29  0.60 N 
25 1 P     A DT  8  ? ? "O5'" A DT  8  ? ? "C5'" A DT 8  ? ? 109.00 120.90 -11.90 1.60 N 
26 1 "O4'" A DT  8  ? ? "C1'" A DT  8  ? ? N1    A DT 8  ? ? 103.67 108.00 -4.33  0.70 N 
27 1 C2    A DT  8  ? ? N3    A DT  8  ? ? C4    A DT 8  ? ? 122.60 127.20 -4.60  0.60 N 
28 1 C2    A DT  9  ? ? N3    A DT  9  ? ? C4    A DT 9  ? ? 121.63 127.20 -5.57  0.60 N 
29 1 N3    A DT  9  ? ? C4    A DT  9  ? ? C5    A DT 9  ? ? 119.24 115.20 4.04   0.60 N 
30 1 N3    A DT  9  ? ? C4    A DT  9  ? ? O4    A DT 9  ? ? 116.20 119.90 -3.70  0.60 N 
31 1 "O5'" A DG  10 ? ? "C5'" A DG  10 ? ? "C4'" A DG 10 ? ? 102.14 109.40 -7.26  0.80 N 
32 1 "C3'" A DG  10 ? ? "C2'" A DG  10 ? ? "C1'" A DG 10 ? ? 94.51  102.40 -7.89  0.80 N 
33 1 "O4'" A DG  10 ? ? "C1'" A DG  10 ? ? N9    A DG 10 ? ? 110.52 108.30 2.22   0.30 N 
34 1 C6    A DG  10 ? ? N1    A DG  10 ? ? C2    A DG 10 ? ? 120.93 125.10 -4.17  0.60 N 
35 1 C5    A DG  10 ? ? C6    A DG  10 ? ? N1    A DG 10 ? ? 115.16 111.50 3.66   0.50 N 
36 1 "O5'" A DC  11 ? ? "C5'" A DC  11 ? ? "C4'" A DC 11 ? ? 101.17 109.40 -8.23  0.80 N 
37 1 "O5'" A DG  12 ? ? "C5'" A DG  12 ? ? "C4'" A DG 12 ? ? 101.15 109.40 -8.25  0.80 N 
38 1 "C3'" B DC  13 ? ? "C2'" B DC  13 ? ? "C1'" B DC 13 ? ? 96.56  102.40 -5.84  0.80 N 
39 1 "O4'" B DC  13 ? ? "C1'" B DC  13 ? ? "C2'" B DC 13 ? ? 100.27 105.90 -5.63  0.80 N 
40 1 "O4'" B DC  13 ? ? "C1'" B DC  13 ? ? N1    B DC 13 ? ? 114.94 108.30 6.64   0.30 N 
41 1 N3    B DC  13 ? ? C4    B DC  13 ? ? C5    B DC 13 ? ? 119.43 121.90 -2.47  0.40 N 
42 1 "O4'" B DG  14 ? ? "C1'" B DG  14 ? ? "C2'" B DG 14 ? ? 100.38 105.90 -5.52  0.80 N 
43 1 "O5'" B DC  15 ? ? "C5'" B DC  15 ? ? "C4'" B DC 15 ? ? 102.58 109.40 -6.82  0.80 N 
44 1 "O4'" B DC  15 ? ? "C4'" B DC  15 ? ? "C3'" B DC 15 ? ? 101.54 104.50 -2.96  0.40 N 
45 1 "C3'" B 6OG 16 ? ? "O3'" B 6OG 16 ? ? P     B DA 17 ? ? 142.18 119.70 22.48  1.20 Y 
46 1 "C4'" B DA  17 ? ? "C3'" B DA  17 ? ? "C2'" B DA 17 ? ? 97.75  102.20 -4.45  0.70 N 
47 1 "O4'" B DA  17 ? ? "C1'" B DA  17 ? ? N9    B DA 17 ? ? 115.48 108.30 7.18   0.30 N 
48 1 C6    B DA  17 ? ? N1    B DA  17 ? ? C2    B DA 17 ? ? 122.94 118.60 4.34   0.60 N 
49 1 N1    B DA  17 ? ? C2    B DA  17 ? ? N3    B DA 17 ? ? 123.64 129.30 -5.66  0.50 N 
50 1 "O5'" B DA  18 ? ? "C5'" B DA  18 ? ? "C4'" B DA 18 ? ? 100.21 109.40 -9.19  0.80 N 
51 1 "O4'" B DA  18 ? ? "C1'" B DA  18 ? ? "C2'" B DA 18 ? ? 99.53  105.90 -6.37  0.80 N 
52 1 C6    B DA  18 ? ? N1    B DA  18 ? ? C2    B DA 18 ? ? 122.97 118.60 4.37   0.60 N 
53 1 N1    B DA  18 ? ? C2    B DA  18 ? ? N3    B DA 18 ? ? 124.23 129.30 -5.07  0.50 N 
54 1 "C3'" B DA  18 ? ? "O3'" B DA  18 ? ? P     B DT 19 ? ? 133.59 119.70 13.89  1.20 Y 
55 1 P     B DT  19 ? ? "O5'" B DT  19 ? ? "C5'" B DT 19 ? ? 110.79 120.90 -10.11 1.60 N 
56 1 "C1'" B DT  19 ? ? "O4'" B DT  19 ? ? "C4'" B DT 19 ? ? 102.86 110.10 -7.24  1.00 N 
57 1 "O4'" B DT  19 ? ? "C1'" B DT  19 ? ? N1    B DT 19 ? ? 100.82 108.00 -7.18  0.70 N 
58 1 C2    B DT  19 ? ? N3    B DT  19 ? ? C4    B DT 19 ? ? 122.78 127.20 -4.42  0.60 N 
59 1 N3    B DT  19 ? ? C4    B DT  19 ? ? C5    B DT 19 ? ? 119.52 115.20 4.32   0.60 N 
60 1 "O5'" B DT  20 ? ? "C5'" B DT  20 ? ? "C4'" B DT 20 ? ? 104.41 109.40 -4.99  0.80 N 
61 1 "O4'" B DT  20 ? ? "C1'" B DT  20 ? ? "C2'" B DT 20 ? ? 100.82 105.90 -5.08  0.80 N 
62 1 C2    B DT  20 ? ? N3    B DT  20 ? ? C4    B DT 20 ? ? 121.87 127.20 -5.33  0.60 N 
63 1 N3    B DT  20 ? ? C4    B DT  20 ? ? C5    B DT 20 ? ? 119.13 115.20 3.93   0.60 N 
64 1 N3    B DT  20 ? ? C2    B DT  20 ? ? O2    B DT 20 ? ? 118.56 122.30 -3.74  0.60 N 
65 1 N3    B DT  20 ? ? C4    B DT  20 ? ? O4    B DT 20 ? ? 115.60 119.90 -4.30  0.60 N 
66 1 N1    B DT  21 ? ? C2    B DT  21 ? ? N3    B DT 21 ? ? 118.53 114.60 3.93   0.60 N 
67 1 C2    B DT  21 ? ? N3    B DT  21 ? ? C4    B DT 21 ? ? 121.69 127.20 -5.51  0.60 N 
68 1 N3    B DT  21 ? ? C4    B DT  21 ? ? C5    B DT 21 ? ? 119.53 115.20 4.33   0.60 N 
69 1 N3    B DT  21 ? ? C4    B DT  21 ? ? O4    B DT 21 ? ? 115.65 119.90 -4.25  0.60 N 
70 1 "C3'" B DG  22 ? ? "C2'" B DG  22 ? ? "C1'" B DG 22 ? ? 96.23  102.40 -6.17  0.80 N 
71 1 "O4'" B DG  22 ? ? "C1'" B DG  22 ? ? N9    B DG 22 ? ? 114.38 108.30 6.08   0.30 N 
72 1 C5    B DG  22 ? ? C6    B DG  22 ? ? N1    B DG 22 ? ? 114.70 111.50 3.20   0.50 N 
73 1 "O5'" B DG  24 ? ? "C5'" B DG  24 ? ? "C4'" B DG 24 ? ? 103.56 109.40 -5.84  0.80 N 
74 1 C6    B DG  24 ? ? N1    B DG  24 ? ? C2    B DG 24 ? ? 121.02 125.10 -4.08  0.60 N 
75 1 C5    B DG  24 ? ? C6    B DG  24 ? ? N1    B DG 24 ? ? 115.34 111.50 3.84   0.50 N 
# 
loop_
_pdbx_struct_mod_residue.id 
_pdbx_struct_mod_residue.label_asym_id 
_pdbx_struct_mod_residue.label_comp_id 
_pdbx_struct_mod_residue.label_seq_id 
_pdbx_struct_mod_residue.auth_asym_id 
_pdbx_struct_mod_residue.auth_comp_id 
_pdbx_struct_mod_residue.auth_seq_id 
_pdbx_struct_mod_residue.PDB_ins_code 
_pdbx_struct_mod_residue.parent_comp_id 
_pdbx_struct_mod_residue.details 
1 A 6OG 4 A 6OG 4  ? DG 
;6-O-METHYL GUANOSINE-5'-MONOPHOSPHATE
;
2 B 6OG 4 B 6OG 16 ? DG 
;6-O-METHYL GUANOSINE-5'-MONOPHOSPHATE
;
# 
loop_
_refine_B_iso.class 
_refine_B_iso.details 
_refine_B_iso.treatment 
_refine_B_iso.pdbx_refine_id 
'ALL ATOMS'  TR isotropic 'X-RAY DIFFRACTION' 
'ALL WATERS' TR isotropic 'X-RAY DIFFRACTION' 
# 
loop_
_refine_occupancy.class 
_refine_occupancy.treatment 
_refine_occupancy.pdbx_refine_id 
'ALL ATOMS'  fix 'X-RAY DIFFRACTION' 
'ALL WATERS' fix 'X-RAY DIFFRACTION' 
# 
loop_
_chem_comp_atom.comp_id 
_chem_comp_atom.atom_id 
_chem_comp_atom.type_symbol 
_chem_comp_atom.pdbx_aromatic_flag 
_chem_comp_atom.pdbx_stereo_config 
_chem_comp_atom.pdbx_ordinal 
6OG P      P N N 1   
6OG OP1    O N N 2   
6OG OP2    O N N 3   
6OG "O5'"  O N N 4   
6OG N9     N Y N 5   
6OG C4     C Y N 6   
6OG N3     N Y N 7   
6OG C2     C Y N 8   
6OG N2     N N N 9   
6OG N1     N Y N 10  
6OG C6     C Y N 11  
6OG O6     O N N 12  
6OG C5     C Y N 13  
6OG N7     N Y N 14  
6OG C8     C Y N 15  
6OG "C2'"  C N N 16  
6OG "C5'"  C N N 17  
6OG "C4'"  C N R 18  
6OG "O4'"  O N N 19  
6OG "C1'"  C N R 20  
6OG "C3'"  C N S 21  
6OG "O3'"  O N N 22  
6OG C      C N N 23  
6OG HOP2   H N N 24  
6OG HN21   H N N 25  
6OG HN22   H N N 26  
6OG H8     H N N 27  
6OG "H2'"  H N N 28  
6OG "H2''" H N N 29  
6OG "H5'"  H N N 30  
6OG "H5''" H N N 31  
6OG "H4'"  H N N 32  
6OG "H1'"  H N N 33  
6OG "H3'"  H N N 34  
6OG "HO3'" H N N 35  
6OG H1     H N N 36  
6OG H2     H N N 37  
6OG H3     H N N 38  
6OG OP3    O N N 39  
6OG HOP3   H N N 40  
DA  OP3    O N N 41  
DA  P      P N N 42  
DA  OP1    O N N 43  
DA  OP2    O N N 44  
DA  "O5'"  O N N 45  
DA  "C5'"  C N N 46  
DA  "C4'"  C N R 47  
DA  "O4'"  O N N 48  
DA  "C3'"  C N S 49  
DA  "O3'"  O N N 50  
DA  "C2'"  C N N 51  
DA  "C1'"  C N R 52  
DA  N9     N Y N 53  
DA  C8     C Y N 54  
DA  N7     N Y N 55  
DA  C5     C Y N 56  
DA  C6     C Y N 57  
DA  N6     N N N 58  
DA  N1     N Y N 59  
DA  C2     C Y N 60  
DA  N3     N Y N 61  
DA  C4     C Y N 62  
DA  HOP3   H N N 63  
DA  HOP2   H N N 64  
DA  "H5'"  H N N 65  
DA  "H5''" H N N 66  
DA  "H4'"  H N N 67  
DA  "H3'"  H N N 68  
DA  "HO3'" H N N 69  
DA  "H2'"  H N N 70  
DA  "H2''" H N N 71  
DA  "H1'"  H N N 72  
DA  H8     H N N 73  
DA  H61    H N N 74  
DA  H62    H N N 75  
DA  H2     H N N 76  
DC  OP3    O N N 77  
DC  P      P N N 78  
DC  OP1    O N N 79  
DC  OP2    O N N 80  
DC  "O5'"  O N N 81  
DC  "C5'"  C N N 82  
DC  "C4'"  C N R 83  
DC  "O4'"  O N N 84  
DC  "C3'"  C N S 85  
DC  "O3'"  O N N 86  
DC  "C2'"  C N N 87  
DC  "C1'"  C N R 88  
DC  N1     N N N 89  
DC  C2     C N N 90  
DC  O2     O N N 91  
DC  N3     N N N 92  
DC  C4     C N N 93  
DC  N4     N N N 94  
DC  C5     C N N 95  
DC  C6     C N N 96  
DC  HOP3   H N N 97  
DC  HOP2   H N N 98  
DC  "H5'"  H N N 99  
DC  "H5''" H N N 100 
DC  "H4'"  H N N 101 
DC  "H3'"  H N N 102 
DC  "HO3'" H N N 103 
DC  "H2'"  H N N 104 
DC  "H2''" H N N 105 
DC  "H1'"  H N N 106 
DC  H41    H N N 107 
DC  H42    H N N 108 
DC  H5     H N N 109 
DC  H6     H N N 110 
DG  OP3    O N N 111 
DG  P      P N N 112 
DG  OP1    O N N 113 
DG  OP2    O N N 114 
DG  "O5'"  O N N 115 
DG  "C5'"  C N N 116 
DG  "C4'"  C N R 117 
DG  "O4'"  O N N 118 
DG  "C3'"  C N S 119 
DG  "O3'"  O N N 120 
DG  "C2'"  C N N 121 
DG  "C1'"  C N R 122 
DG  N9     N Y N 123 
DG  C8     C Y N 124 
DG  N7     N Y N 125 
DG  C5     C Y N 126 
DG  C6     C N N 127 
DG  O6     O N N 128 
DG  N1     N N N 129 
DG  C2     C N N 130 
DG  N2     N N N 131 
DG  N3     N N N 132 
DG  C4     C Y N 133 
DG  HOP3   H N N 134 
DG  HOP2   H N N 135 
DG  "H5'"  H N N 136 
DG  "H5''" H N N 137 
DG  "H4'"  H N N 138 
DG  "H3'"  H N N 139 
DG  "HO3'" H N N 140 
DG  "H2'"  H N N 141 
DG  "H2''" H N N 142 
DG  "H1'"  H N N 143 
DG  H8     H N N 144 
DG  H1     H N N 145 
DG  H21    H N N 146 
DG  H22    H N N 147 
DT  OP3    O N N 148 
DT  P      P N N 149 
DT  OP1    O N N 150 
DT  OP2    O N N 151 
DT  "O5'"  O N N 152 
DT  "C5'"  C N N 153 
DT  "C4'"  C N R 154 
DT  "O4'"  O N N 155 
DT  "C3'"  C N S 156 
DT  "O3'"  O N N 157 
DT  "C2'"  C N N 158 
DT  "C1'"  C N R 159 
DT  N1     N N N 160 
DT  C2     C N N 161 
DT  O2     O N N 162 
DT  N3     N N N 163 
DT  C4     C N N 164 
DT  O4     O N N 165 
DT  C5     C N N 166 
DT  C7     C N N 167 
DT  C6     C N N 168 
DT  HOP3   H N N 169 
DT  HOP2   H N N 170 
DT  "H5'"  H N N 171 
DT  "H5''" H N N 172 
DT  "H4'"  H N N 173 
DT  "H3'"  H N N 174 
DT  "HO3'" H N N 175 
DT  "H2'"  H N N 176 
DT  "H2''" H N N 177 
DT  "H1'"  H N N 178 
DT  H3     H N N 179 
DT  H71    H N N 180 
DT  H72    H N N 181 
DT  H73    H N N 182 
DT  H6     H N N 183 
HOH O      O N N 184 
HOH H1     H N N 185 
HOH H2     H N N 186 
# 
loop_
_chem_comp_bond.comp_id 
_chem_comp_bond.atom_id_1 
_chem_comp_bond.atom_id_2 
_chem_comp_bond.value_order 
_chem_comp_bond.pdbx_aromatic_flag 
_chem_comp_bond.pdbx_stereo_config 
_chem_comp_bond.pdbx_ordinal 
6OG P     OP1    doub N N 1   
6OG P     OP2    sing N N 2   
6OG P     "O5'"  sing N N 3   
6OG OP2   HOP2   sing N N 4   
6OG "O5'" "C5'"  sing N N 5   
6OG N9    C4     sing Y N 6   
6OG N9    C8     sing Y N 7   
6OG N9    "C1'"  sing N N 8   
6OG C4    N3     sing Y N 9   
6OG C4    C5     doub Y N 10  
6OG N3    C2     doub Y N 11  
6OG C2    N2     sing N N 12  
6OG C2    N1     sing Y N 13  
6OG N2    HN21   sing N N 14  
6OG N2    HN22   sing N N 15  
6OG N1    C6     doub Y N 16  
6OG C6    O6     sing N N 17  
6OG C6    C5     sing Y N 18  
6OG O6    C      sing N N 19  
6OG C5    N7     sing Y N 20  
6OG N7    C8     doub Y N 21  
6OG C8    H8     sing N N 22  
6OG "C2'" "C1'"  sing N N 23  
6OG "C2'" "C3'"  sing N N 24  
6OG "C2'" "H2'"  sing N N 25  
6OG "C2'" "H2''" sing N N 26  
6OG "C5'" "C4'"  sing N N 27  
6OG "C5'" "H5'"  sing N N 28  
6OG "C5'" "H5''" sing N N 29  
6OG "C4'" "O4'"  sing N N 30  
6OG "C4'" "C3'"  sing N N 31  
6OG "C4'" "H4'"  sing N N 32  
6OG "O4'" "C1'"  sing N N 33  
6OG "C1'" "H1'"  sing N N 34  
6OG "C3'" "O3'"  sing N N 35  
6OG "C3'" "H3'"  sing N N 36  
6OG "O3'" "HO3'" sing N N 37  
6OG C     H1     sing N N 38  
6OG C     H2     sing N N 39  
6OG C     H3     sing N N 40  
6OG P     OP3    sing N N 41  
6OG OP3   HOP3   sing N N 42  
DA  OP3   P      sing N N 43  
DA  OP3   HOP3   sing N N 44  
DA  P     OP1    doub N N 45  
DA  P     OP2    sing N N 46  
DA  P     "O5'"  sing N N 47  
DA  OP2   HOP2   sing N N 48  
DA  "O5'" "C5'"  sing N N 49  
DA  "C5'" "C4'"  sing N N 50  
DA  "C5'" "H5'"  sing N N 51  
DA  "C5'" "H5''" sing N N 52  
DA  "C4'" "O4'"  sing N N 53  
DA  "C4'" "C3'"  sing N N 54  
DA  "C4'" "H4'"  sing N N 55  
DA  "O4'" "C1'"  sing N N 56  
DA  "C3'" "O3'"  sing N N 57  
DA  "C3'" "C2'"  sing N N 58  
DA  "C3'" "H3'"  sing N N 59  
DA  "O3'" "HO3'" sing N N 60  
DA  "C2'" "C1'"  sing N N 61  
DA  "C2'" "H2'"  sing N N 62  
DA  "C2'" "H2''" sing N N 63  
DA  "C1'" N9     sing N N 64  
DA  "C1'" "H1'"  sing N N 65  
DA  N9    C8     sing Y N 66  
DA  N9    C4     sing Y N 67  
DA  C8    N7     doub Y N 68  
DA  C8    H8     sing N N 69  
DA  N7    C5     sing Y N 70  
DA  C5    C6     sing Y N 71  
DA  C5    C4     doub Y N 72  
DA  C6    N6     sing N N 73  
DA  C6    N1     doub Y N 74  
DA  N6    H61    sing N N 75  
DA  N6    H62    sing N N 76  
DA  N1    C2     sing Y N 77  
DA  C2    N3     doub Y N 78  
DA  C2    H2     sing N N 79  
DA  N3    C4     sing Y N 80  
DC  OP3   P      sing N N 81  
DC  OP3   HOP3   sing N N 82  
DC  P     OP1    doub N N 83  
DC  P     OP2    sing N N 84  
DC  P     "O5'"  sing N N 85  
DC  OP2   HOP2   sing N N 86  
DC  "O5'" "C5'"  sing N N 87  
DC  "C5'" "C4'"  sing N N 88  
DC  "C5'" "H5'"  sing N N 89  
DC  "C5'" "H5''" sing N N 90  
DC  "C4'" "O4'"  sing N N 91  
DC  "C4'" "C3'"  sing N N 92  
DC  "C4'" "H4'"  sing N N 93  
DC  "O4'" "C1'"  sing N N 94  
DC  "C3'" "O3'"  sing N N 95  
DC  "C3'" "C2'"  sing N N 96  
DC  "C3'" "H3'"  sing N N 97  
DC  "O3'" "HO3'" sing N N 98  
DC  "C2'" "C1'"  sing N N 99  
DC  "C2'" "H2'"  sing N N 100 
DC  "C2'" "H2''" sing N N 101 
DC  "C1'" N1     sing N N 102 
DC  "C1'" "H1'"  sing N N 103 
DC  N1    C2     sing N N 104 
DC  N1    C6     sing N N 105 
DC  C2    O2     doub N N 106 
DC  C2    N3     sing N N 107 
DC  N3    C4     doub N N 108 
DC  C4    N4     sing N N 109 
DC  C4    C5     sing N N 110 
DC  N4    H41    sing N N 111 
DC  N4    H42    sing N N 112 
DC  C5    C6     doub N N 113 
DC  C5    H5     sing N N 114 
DC  C6    H6     sing N N 115 
DG  OP3   P      sing N N 116 
DG  OP3   HOP3   sing N N 117 
DG  P     OP1    doub N N 118 
DG  P     OP2    sing N N 119 
DG  P     "O5'"  sing N N 120 
DG  OP2   HOP2   sing N N 121 
DG  "O5'" "C5'"  sing N N 122 
DG  "C5'" "C4'"  sing N N 123 
DG  "C5'" "H5'"  sing N N 124 
DG  "C5'" "H5''" sing N N 125 
DG  "C4'" "O4'"  sing N N 126 
DG  "C4'" "C3'"  sing N N 127 
DG  "C4'" "H4'"  sing N N 128 
DG  "O4'" "C1'"  sing N N 129 
DG  "C3'" "O3'"  sing N N 130 
DG  "C3'" "C2'"  sing N N 131 
DG  "C3'" "H3'"  sing N N 132 
DG  "O3'" "HO3'" sing N N 133 
DG  "C2'" "C1'"  sing N N 134 
DG  "C2'" "H2'"  sing N N 135 
DG  "C2'" "H2''" sing N N 136 
DG  "C1'" N9     sing N N 137 
DG  "C1'" "H1'"  sing N N 138 
DG  N9    C8     sing Y N 139 
DG  N9    C4     sing Y N 140 
DG  C8    N7     doub Y N 141 
DG  C8    H8     sing N N 142 
DG  N7    C5     sing Y N 143 
DG  C5    C6     sing N N 144 
DG  C5    C4     doub Y N 145 
DG  C6    O6     doub N N 146 
DG  C6    N1     sing N N 147 
DG  N1    C2     sing N N 148 
DG  N1    H1     sing N N 149 
DG  C2    N2     sing N N 150 
DG  C2    N3     doub N N 151 
DG  N2    H21    sing N N 152 
DG  N2    H22    sing N N 153 
DG  N3    C4     sing N N 154 
DT  OP3   P      sing N N 155 
DT  OP3   HOP3   sing N N 156 
DT  P     OP1    doub N N 157 
DT  P     OP2    sing N N 158 
DT  P     "O5'"  sing N N 159 
DT  OP2   HOP2   sing N N 160 
DT  "O5'" "C5'"  sing N N 161 
DT  "C5'" "C4'"  sing N N 162 
DT  "C5'" "H5'"  sing N N 163 
DT  "C5'" "H5''" sing N N 164 
DT  "C4'" "O4'"  sing N N 165 
DT  "C4'" "C3'"  sing N N 166 
DT  "C4'" "H4'"  sing N N 167 
DT  "O4'" "C1'"  sing N N 168 
DT  "C3'" "O3'"  sing N N 169 
DT  "C3'" "C2'"  sing N N 170 
DT  "C3'" "H3'"  sing N N 171 
DT  "O3'" "HO3'" sing N N 172 
DT  "C2'" "C1'"  sing N N 173 
DT  "C2'" "H2'"  sing N N 174 
DT  "C2'" "H2''" sing N N 175 
DT  "C1'" N1     sing N N 176 
DT  "C1'" "H1'"  sing N N 177 
DT  N1    C2     sing N N 178 
DT  N1    C6     sing N N 179 
DT  C2    O2     doub N N 180 
DT  C2    N3     sing N N 181 
DT  N3    C4     sing N N 182 
DT  N3    H3     sing N N 183 
DT  C4    O4     doub N N 184 
DT  C4    C5     sing N N 185 
DT  C5    C7     sing N N 186 
DT  C5    C6     doub N N 187 
DT  C7    H71    sing N N 188 
DT  C7    H72    sing N N 189 
DT  C7    H73    sing N N 190 
DT  C6    H6     sing N N 191 
HOH O     H1     sing N N 192 
HOH O     H2     sing N N 193 
# 
loop_
_ndb_struct_conf_na.entry_id 
_ndb_struct_conf_na.feature 
1D27 'b-form double helix'  
1D27 'mismatched base pair' 
# 
loop_
_ndb_struct_na_base_pair.model_number 
_ndb_struct_na_base_pair.i_label_asym_id 
_ndb_struct_na_base_pair.i_label_comp_id 
_ndb_struct_na_base_pair.i_label_seq_id 
_ndb_struct_na_base_pair.i_symmetry 
_ndb_struct_na_base_pair.j_label_asym_id 
_ndb_struct_na_base_pair.j_label_comp_id 
_ndb_struct_na_base_pair.j_label_seq_id 
_ndb_struct_na_base_pair.j_symmetry 
_ndb_struct_na_base_pair.shear 
_ndb_struct_na_base_pair.stretch 
_ndb_struct_na_base_pair.stagger 
_ndb_struct_na_base_pair.buckle 
_ndb_struct_na_base_pair.propeller 
_ndb_struct_na_base_pair.opening 
_ndb_struct_na_base_pair.pair_number 
_ndb_struct_na_base_pair.pair_name 
_ndb_struct_na_base_pair.i_auth_asym_id 
_ndb_struct_na_base_pair.i_auth_seq_id 
_ndb_struct_na_base_pair.i_PDB_ins_code 
_ndb_struct_na_base_pair.j_auth_asym_id 
_ndb_struct_na_base_pair.j_auth_seq_id 
_ndb_struct_na_base_pair.j_PDB_ins_code 
_ndb_struct_na_base_pair.hbond_type_28 
_ndb_struct_na_base_pair.hbond_type_12 
1 A DC  1  1_555 B DG  12 1_555 -0.432 -0.222 0.075  4.987   -9.595  -0.738 1  A_DC1:DG24_B  A 1  ? B 24 ? 19 1 
1 A DG  2  1_555 B DC  11 1_555 -0.318 -0.177 0.224  -1.224  -11.716 -3.321 2  A_DG2:DC23_B  A 2  ? B 23 ? 19 1 
1 A DC  3  1_555 B DG  10 1_555 -0.470 -0.164 0.175  -3.921  -0.970  -2.730 3  A_DC3:DG22_B  A 3  ? B 22 ? 19 1 
1 A 6OG 4  1_555 B DT  9  1_555 0.019  -0.037 -0.073 7.788   -10.514 2.575  4  A_6OG4:DT21_B A 4  ? B 21 ? ?  ? 
1 A DA  5  1_555 B DT  8  1_555 0.083  -0.060 0.188  5.476   -18.178 5.569  5  A_DA5:DT20_B  A 5  ? B 20 ? 20 1 
1 A DA  6  1_555 B DT  7  1_555 0.014  -0.284 0.360  5.915   -18.635 5.940  6  A_DA6:DT19_B  A 6  ? B 19 ? 20 1 
1 A DT  7  1_555 B DA  6  1_555 -0.188 -0.122 0.381  -0.507  -20.133 4.301  7  A_DT7:DA18_B  A 7  ? B 18 ? 20 1 
1 A DT  8  1_555 B DA  5  1_555 0.031  -0.409 -0.107 -0.833  -20.276 3.586  8  A_DT8:DA17_B  A 8  ? B 17 ? 20 1 
1 A DT  9  1_555 B 6OG 4  1_555 0.264  -0.200 0.012  -11.234 -12.461 -2.205 9  A_DT9:6OG16_B A 9  ? B 16 ? 28 1 
1 A DG  10 1_555 B DC  3  1_555 0.013  -0.261 0.310  7.209   -0.899  -1.664 10 A_DG10:DC15_B A 10 ? B 15 ? 19 1 
1 A DC  11 1_555 B DG  2  1_555 -0.662 -0.376 0.436  3.288   -18.188 -5.063 11 A_DC11:DG14_B A 11 ? B 14 ? 19 1 
1 A DG  12 1_555 B DC  1  1_555 0.025  -0.360 0.553  7.433   -5.302  -6.342 12 A_DG12:DC13_B A 12 ? B 13 ? 19 1 
# 
loop_
_ndb_struct_na_base_pair_step.model_number 
_ndb_struct_na_base_pair_step.i_label_asym_id_1 
_ndb_struct_na_base_pair_step.i_label_comp_id_1 
_ndb_struct_na_base_pair_step.i_label_seq_id_1 
_ndb_struct_na_base_pair_step.i_symmetry_1 
_ndb_struct_na_base_pair_step.j_label_asym_id_1 
_ndb_struct_na_base_pair_step.j_label_comp_id_1 
_ndb_struct_na_base_pair_step.j_label_seq_id_1 
_ndb_struct_na_base_pair_step.j_symmetry_1 
_ndb_struct_na_base_pair_step.i_label_asym_id_2 
_ndb_struct_na_base_pair_step.i_label_comp_id_2 
_ndb_struct_na_base_pair_step.i_label_seq_id_2 
_ndb_struct_na_base_pair_step.i_symmetry_2 
_ndb_struct_na_base_pair_step.j_label_asym_id_2 
_ndb_struct_na_base_pair_step.j_label_comp_id_2 
_ndb_struct_na_base_pair_step.j_label_seq_id_2 
_ndb_struct_na_base_pair_step.j_symmetry_2 
_ndb_struct_na_base_pair_step.shift 
_ndb_struct_na_base_pair_step.slide 
_ndb_struct_na_base_pair_step.rise 
_ndb_struct_na_base_pair_step.tilt 
_ndb_struct_na_base_pair_step.roll 
_ndb_struct_na_base_pair_step.twist 
_ndb_struct_na_base_pair_step.x_displacement 
_ndb_struct_na_base_pair_step.y_displacement 
_ndb_struct_na_base_pair_step.helical_rise 
_ndb_struct_na_base_pair_step.inclination 
_ndb_struct_na_base_pair_step.tip 
_ndb_struct_na_base_pair_step.helical_twist 
_ndb_struct_na_base_pair_step.step_number 
_ndb_struct_na_base_pair_step.step_name 
_ndb_struct_na_base_pair_step.i_auth_asym_id_1 
_ndb_struct_na_base_pair_step.i_auth_seq_id_1 
_ndb_struct_na_base_pair_step.i_PDB_ins_code_1 
_ndb_struct_na_base_pair_step.j_auth_asym_id_1 
_ndb_struct_na_base_pair_step.j_auth_seq_id_1 
_ndb_struct_na_base_pair_step.j_PDB_ins_code_1 
_ndb_struct_na_base_pair_step.i_auth_asym_id_2 
_ndb_struct_na_base_pair_step.i_auth_seq_id_2 
_ndb_struct_na_base_pair_step.i_PDB_ins_code_2 
_ndb_struct_na_base_pair_step.j_auth_asym_id_2 
_ndb_struct_na_base_pair_step.j_auth_seq_id_2 
_ndb_struct_na_base_pair_step.j_PDB_ins_code_2 
1 A DC  1  1_555 B DG  12 1_555 A DG  2  1_555 B DC  11 1_555 -0.261 0.208  3.531 -1.399 1.734  39.846 0.088  0.209  3.544 2.542   
2.050  39.906 1  AA_DC1DG2:DC23DG24_BB   A 1  ? B 24 ? A 2  ? B 23 ? 
1 A DG  2  1_555 B DC  11 1_555 A DC  3  1_555 B DG  10 1_555 0.772  0.229  3.506 1.813  -2.687 37.986 0.716  -0.935 3.514 -4.119  
-2.779 38.119 2  AA_DG2DC3:DG22DC23_BB   A 2  ? B 23 ? A 3  ? B 22 ? 
1 A DC  3  1_555 B DG  10 1_555 A 6OG 4  1_555 B DT  9  1_555 -0.044 0.453  3.156 2.569  6.180  30.852 -0.291 0.549  3.171 11.449  
-4.760 31.552 3  AA_DC36OG4:DT21DG22_BB  A 3  ? B 22 ? A 4  ? B 21 ? 
1 A 6OG 4  1_555 B DT  9  1_555 A DA  5  1_555 B DT  8  1_555 -0.030 -0.117 3.366 -1.779 1.212  34.399 -0.390 -0.233 3.357 2.048   
3.004  34.464 4  AA_6OG4DA5:DT20DT21_BB  A 4  ? B 21 ? A 5  ? B 20 ? 
1 A DA  5  1_555 B DT  8  1_555 A DA  6  1_555 B DT  7  1_555 -0.064 -0.243 3.162 -1.817 -0.841 37.750 -0.271 -0.128 3.166 -1.299  
2.806  37.801 5  AA_DA5DA6:DT19DT20_BB   A 5  ? B 20 ? A 6  ? B 19 ? 
1 A DA  6  1_555 B DT  7  1_555 A DT  7  1_555 B DA  6  1_555 0.105  -0.622 3.446 1.302  -2.559 30.946 -0.639 0.068  3.487 -4.783  
-2.434 31.075 6  AA_DA6DT7:DA18DT19_BB   A 6  ? B 19 ? A 7  ? B 18 ? 
1 A DT  7  1_555 B DA  6  1_555 A DT  8  1_555 B DA  5  1_555 -0.233 -0.136 3.161 3.825  2.128  38.831 -0.450 0.791  3.114 3.189   
-5.731 39.068 7  AA_DT7DT8:DA17DA18_BB   A 7  ? B 18 ? A 8  ? B 17 ? 
1 A DT  8  1_555 B DA  5  1_555 A DT  9  1_555 B 6OG 4  1_555 -0.230 0.000  3.602 -1.403 -4.602 41.413 0.534  0.160  3.587 -6.482  
1.977  41.680 8  AA_DT8DT9:6OG16DA17_BB  A 8  ? B 17 ? A 9  ? B 16 ? 
1 A DT  9  1_555 B 6OG 4  1_555 A DG  10 1_555 B DC  3  1_555 0.424  0.555  3.008 -3.780 1.002  28.709 0.907  -1.611 2.946 2.010   
7.579  28.968 9  AA_DT9DG10:DC156OG16_BB A 9  ? B 16 ? A 10 ? B 15 ? 
1 A DG  10 1_555 B DC  3  1_555 A DC  11 1_555 B DG  2  1_555 -1.161 0.303  3.547 -2.831 -8.560 35.208 1.789  1.433  3.462 -13.872 
4.588  36.309 10 AA_DG10DC11:DG14DC15_BB A 10 ? B 15 ? A 11 ? B 14 ? 
1 A DC  11 1_555 B DG  2  1_555 A DG  12 1_555 B DC  1  1_555 0.528  0.309  3.387 2.194  -3.409 41.365 0.810  -0.504 3.374 -4.812  
-3.097 41.554 11 AA_DC11DG12:DC13DG14_BB A 11 ? B 14 ? A 12 ? B 13 ? 
# 
_atom_sites.entry_id                    1D27 
_atom_sites.fract_transf_matrix[1][1]   0.00640980 
_atom_sites.fract_transf_matrix[1][2]   0.02535492 
_atom_sites.fract_transf_matrix[1][3]   0.02934555 
_atom_sites.fract_transf_matrix[2][1]   0.01749350 
_atom_sites.fract_transf_matrix[2][2]   0.01098005 
_atom_sites.fract_transf_matrix[2][3]   -0.01330792 
_atom_sites.fract_transf_matrix[3][1]   -0.01035014 
_atom_sites.fract_transf_matrix[3][2]   0.00939333 
_atom_sites.fract_transf_matrix[3][3]   -0.00585523 
_atom_sites.fract_transf_vector[1]      0.591405 
_atom_sites.fract_transf_vector[2]      0.522810 
_atom_sites.fract_transf_vector[3]      0.127571 
# 
loop_
_atom_type.symbol 
C 
N 
O 
P 
# 
loop_
_atom_site.group_PDB 
_atom_site.id 
_atom_site.type_symbol 
_atom_site.label_atom_id 
_atom_site.label_alt_id 
_atom_site.label_comp_id 
_atom_site.label_asym_id 
_atom_site.label_entity_id 
_atom_site.label_seq_id 
_atom_site.pdbx_PDB_ins_code 
_atom_site.Cartn_x 
_atom_site.Cartn_y 
_atom_site.Cartn_z 
_atom_site.occupancy 
_atom_site.B_iso_or_equiv 
_atom_site.pdbx_formal_charge 
_atom_site.auth_seq_id 
_atom_site.auth_comp_id 
_atom_site.auth_asym_id 
_atom_site.auth_atom_id 
_atom_site.pdbx_PDB_model_num 
ATOM   1   O "O5'" . DC  A 1 1  ? 0.606   19.447  -9.397  1.00 51.47 ? 1  DC  A "O5'" 1 
ATOM   2   C "C5'" . DC  A 1 1  ? -0.542  18.595  -9.641  1.00 39.04 ? 1  DC  A "C5'" 1 
ATOM   3   C "C4'" . DC  A 1 1  ? -1.212  18.402  -8.306  1.00 34.12 ? 1  DC  A "C4'" 1 
ATOM   4   O "O4'" . DC  A 1 1  ? -2.510  17.895  -8.500  1.00 36.09 ? 1  DC  A "O4'" 1 
ATOM   5   C "C3'" . DC  A 1 1  ? -0.537  17.456  -7.329  1.00 36.11 ? 1  DC  A "C3'" 1 
ATOM   6   O "O3'" . DC  A 1 1  ? -0.863  17.810  -5.962  1.00 42.26 ? 1  DC  A "O3'" 1 
ATOM   7   C "C2'" . DC  A 1 1  ? -1.285  16.141  -7.689  1.00 32.52 ? 1  DC  A "C2'" 1 
ATOM   8   C "C1'" . DC  A 1 1  ? -2.695  16.736  -7.640  1.00 30.67 ? 1  DC  A "C1'" 1 
ATOM   9   N N1    . DC  A 1 1  ? -3.652  15.832  -8.305  1.00 29.46 ? 1  DC  A N1    1 
ATOM   10  C C2    . DC  A 1 1  ? -4.937  15.777  -7.742  1.00 27.25 ? 1  DC  A C2    1 
ATOM   11  O O2    . DC  A 1 1  ? -5.228  16.415  -6.734  1.00 31.57 ? 1  DC  A O2    1 
ATOM   12  N N3    . DC  A 1 1  ? -5.864  14.992  -8.353  1.00 20.99 ? 1  DC  A N3    1 
ATOM   13  C C4    . DC  A 1 1  ? -5.555  14.270  -9.460  1.00 26.17 ? 1  DC  A C4    1 
ATOM   14  N N4    . DC  A 1 1  ? -6.468  13.465  -9.993  1.00 31.44 ? 1  DC  A N4    1 
ATOM   15  C C5    . DC  A 1 1  ? -4.261  14.351  -10.013 1.00 29.84 ? 1  DC  A C5    1 
ATOM   16  C C6    . DC  A 1 1  ? -3.355  15.136  -9.415  1.00 23.20 ? 1  DC  A C6    1 
ATOM   17  P P     . DG  A 1 2  ? 0.202   17.333  -4.835  1.00 52.45 ? 2  DG  A P     1 
ATOM   18  O OP1   . DG  A 1 2  ? 1.299   18.355  -4.877  1.00 58.67 ? 2  DG  A OP1   1 
ATOM   19  O OP2   . DG  A 1 2  ? 0.608   15.962  -5.259  1.00 33.29 ? 2  DG  A OP2   1 
ATOM   20  O "O5'" . DG  A 1 2  ? -0.532  17.389  -3.432  1.00 38.86 ? 2  DG  A "O5'" 1 
ATOM   21  C "C5'" . DG  A 1 2  ? -1.722  18.199  -3.274  1.00 31.27 ? 2  DG  A "C5'" 1 
ATOM   22  C "C4'" . DG  A 1 2  ? -2.632  17.344  -2.403  1.00 30.00 ? 2  DG  A "C4'" 1 
ATOM   23  O "O4'" . DG  A 1 2  ? -3.443  16.590  -3.274  1.00 37.38 ? 2  DG  A "O4'" 1 
ATOM   24  C "C3'" . DG  A 1 2  ? -1.920  16.351  -1.499  1.00 33.28 ? 2  DG  A "C3'" 1 
ATOM   25  O "O3'" . DG  A 1 2  ? -2.484  16.258  -0.205  1.00 41.35 ? 2  DG  A "O3'" 1 
ATOM   26  C "C2'" . DG  A 1 2  ? -2.057  15.048  -2.288  1.00 33.52 ? 2  DG  A "C2'" 1 
ATOM   27  C "C1'" . DG  A 1 2  ? -3.513  15.211  -2.782  1.00 28.42 ? 2  DG  A "C1'" 1 
ATOM   28  N N9    . DG  A 1 2  ? -3.702  14.330  -3.946  1.00 20.11 ? 2  DG  A N9    1 
ATOM   29  C C8    . DG  A 1 2  ? -2.767  14.044  -4.899  1.00 18.88 ? 2  DG  A C8    1 
ATOM   30  N N7    . DG  A 1 2  ? -3.190  13.214  -5.824  1.00 23.27 ? 2  DG  A N7    1 
ATOM   31  C C5    . DG  A 1 2  ? -4.516  12.965  -5.465  1.00 17.54 ? 2  DG  A C5    1 
ATOM   32  C C6    . DG  A 1 2  ? -5.496  12.148  -6.069  1.00 18.55 ? 2  DG  A C6    1 
ATOM   33  O O6    . DG  A 1 2  ? -5.389  11.477  -7.111  1.00 26.09 ? 2  DG  A O6    1 
ATOM   34  N N1    . DG  A 1 2  ? -6.696  12.154  -5.409  1.00 13.42 ? 2  DG  A N1    1 
ATOM   35  C C2    . DG  A 1 2  ? -6.900  12.862  -4.287  1.00 9.83  ? 2  DG  A C2    1 
ATOM   36  N N2    . DG  A 1 2  ? -8.131  12.729  -3.776  1.00 22.46 ? 2  DG  A N2    1 
ATOM   37  N N3    . DG  A 1 2  ? -6.014  13.641  -3.682  1.00 17.27 ? 2  DG  A N3    1 
ATOM   38  C C4    . DG  A 1 2  ? -4.837  13.647  -4.318  1.00 17.97 ? 2  DG  A C4    1 
ATOM   39  P P     . DC  A 1 3  ? -1.843  15.559  1.090   1.00 38.96 ? 3  DC  A P     1 
ATOM   40  O OP1   . DC  A 1 3  ? -1.707  16.594  2.153   1.00 37.80 ? 3  DC  A OP1   1 
ATOM   41  O OP2   . DC  A 1 3  ? -0.566  14.975  0.596   1.00 39.45 ? 3  DC  A OP2   1 
ATOM   42  O "O5'" . DC  A 1 3  ? -2.886  14.459  1.547   1.00 35.78 ? 3  DC  A "O5'" 1 
ATOM   43  C "C5'" . DC  A 1 3  ? -4.234  14.830  1.929   1.00 29.53 ? 3  DC  A "C5'" 1 
ATOM   44  C "C4'" . DC  A 1 3  ? -5.026  13.607  1.503   1.00 26.90 ? 3  DC  A "C4'" 1 
ATOM   45  O "O4'" . DC  A 1 3  ? -4.711  13.211  0.192   1.00 27.26 ? 3  DC  A "O4'" 1 
ATOM   46  C "C3'" . DC  A 1 3  ? -4.632  12.374  2.295   1.00 26.09 ? 3  DC  A "C3'" 1 
ATOM   47  O "O3'" . DC  A 1 3  ? -5.656  12.180  3.283   1.00 44.56 ? 3  DC  A "O3'" 1 
ATOM   48  C "C2'" . DC  A 1 3  ? -4.654  11.224  1.310   1.00 28.87 ? 3  DC  A "C2'" 1 
ATOM   49  C "C1'" . DC  A 1 3  ? -5.324  11.846  0.094   1.00 19.51 ? 3  DC  A "C1'" 1 
ATOM   50  N N1    . DC  A 1 3  ? -4.614  11.299  -1.101  1.00 21.57 ? 3  DC  A N1    1 
ATOM   51  C C2    . DC  A 1 3  ? -5.314  10.511  -1.965  1.00 18.44 ? 3  DC  A C2    1 
ATOM   52  O O2    . DC  A 1 3  ? -6.493  10.221  -1.746  1.00 23.15 ? 3  DC  A O2    1 
ATOM   53  N N3    . DC  A 1 3  ? -4.646  10.061  -3.065  1.00 17.70 ? 3  DC  A N3    1 
ATOM   54  C C4    . DC  A 1 3  ? -3.350  10.377  -3.311  1.00 16.36 ? 3  DC  A C4    1 
ATOM   55  N N4    . DC  A 1 3  ? -2.772  9.884   -4.408  1.00 25.48 ? 3  DC  A N4    1 
ATOM   56  C C5    . DC  A 1 3  ? -2.644  11.197  -2.404  1.00 25.04 ? 3  DC  A C5    1 
ATOM   57  C C6    . DC  A 1 3  ? -3.308  11.641  -1.325  1.00 23.49 ? 3  DC  A C6    1 
HETATM 58  P P     . 6OG A 1 4  ? -5.295  11.224  4.526   1.00 39.75 ? 4  6OG A P     1 
HETATM 59  O OP1   . 6OG A 1 4  ? -5.582  12.028  5.759   1.00 53.82 ? 4  6OG A OP1   1 
HETATM 60  O OP2   . 6OG A 1 4  ? -3.877  10.876  4.314   1.00 36.85 ? 4  6OG A OP2   1 
HETATM 61  O "O5'" . 6OG A 1 4  ? -6.313  10.027  4.372   1.00 37.12 ? 4  6OG A "O5'" 1 
HETATM 62  N N9    . 6OG A 1 4  ? -5.635  7.534   1.002   1.00 20.87 ? 4  6OG A N9    1 
HETATM 63  C C4    . 6OG A 1 4  ? -5.461  7.092   -0.290  1.00 11.57 ? 4  6OG A C4    1 
HETATM 64  N N3    . 6OG A 1 4  ? -6.388  6.469   -1.052  1.00 17.99 ? 4  6OG A N3    1 
HETATM 65  C C2    . 6OG A 1 4  ? -5.891  6.144   -2.246  1.00 16.57 ? 4  6OG A C2    1 
HETATM 66  N N2    . 6OG A 1 4  ? -6.669  5.497   -3.119  1.00 23.84 ? 4  6OG A N2    1 
HETATM 67  N N1    . 6OG A 1 4  ? -4.630  6.421   -2.697  1.00 21.31 ? 4  6OG A N1    1 
HETATM 68  C C6    . 6OG A 1 4  ? -3.708  7.057   -1.907  1.00 16.13 ? 4  6OG A C6    1 
HETATM 69  O O6    . 6OG A 1 4  ? -2.501  7.288   -2.421  1.00 22.30 ? 4  6OG A O6    1 
HETATM 70  C C5    . 6OG A 1 4  ? -4.175  7.382   -0.627  1.00 13.12 ? 4  6OG A C5    1 
HETATM 71  N N7    . 6OG A 1 4  ? -3.512  8.033   0.441   1.00 28.12 ? 4  6OG A N7    1 
HETATM 72  C C8    . 6OG A 1 4  ? -4.449  8.105   1.373   1.00 18.80 ? 4  6OG A C8    1 
HETATM 73  C "C2'" . 6OG A 1 4  ? -6.481  7.113   3.256   1.00 34.51 ? 4  6OG A "C2'" 1 
HETATM 74  C "C5'" . 6OG A 1 4  ? -7.610  10.257  3.803   1.00 33.58 ? 4  6OG A "C5'" 1 
HETATM 75  C "C4'" . 6OG A 1 4  ? -7.994  8.956   3.164   1.00 34.55 ? 4  6OG A "C4'" 1 
HETATM 76  O "O4'" . 6OG A 1 4  ? -7.485  8.720   1.887   1.00 39.51 ? 4  6OG A "O4'" 1 
HETATM 77  C "C1'" . 6OG A 1 4  ? -6.870  7.419   1.803   1.00 27.62 ? 4  6OG A "C1'" 1 
HETATM 78  C "C3'" . 6OG A 1 4  ? -7.674  7.728   3.992   1.00 37.60 ? 4  6OG A "C3'" 1 
HETATM 79  O "O3'" . 6OG A 1 4  ? -8.850  6.917   4.002   1.00 40.19 ? 4  6OG A "O3'" 1 
HETATM 80  C C     . 6OG A 1 4  ? -1.564  7.951   -1.529  1.00 34.80 ? 4  6OG A C     1 
ATOM   81  P P     . DA  A 1 5  ? -8.811  5.541   4.817   1.00 43.78 ? 5  DA  A P     1 
ATOM   82  O OP1   . DA  A 1 5  ? -9.805  5.574   5.912   1.00 45.70 ? 5  DA  A OP1   1 
ATOM   83  O OP2   . DA  A 1 5  ? -7.389  5.555   5.316   1.00 51.52 ? 5  DA  A OP2   1 
ATOM   84  O "O5'" . DA  A 1 5  ? -9.048  4.426   3.720   1.00 29.09 ? 5  DA  A "O5'" 1 
ATOM   85  C "C5'" . DA  A 1 5  ? -10.153 4.512   2.807   1.00 33.19 ? 5  DA  A "C5'" 1 
ATOM   86  C "C4'" . DA  A 1 5  ? -9.742  3.570   1.698   1.00 37.34 ? 5  DA  A "C4'" 1 
ATOM   87  O "O4'" . DA  A 1 5  ? -8.539  3.944   1.108   1.00 37.47 ? 5  DA  A "O4'" 1 
ATOM   88  C "C3'" . DA  A 1 5  ? -9.565  2.122   2.133   1.00 37.67 ? 5  DA  A "C3'" 1 
ATOM   89  O "O3'" . DA  A 1 5  ? -10.238 1.276   1.182   1.00 41.97 ? 5  DA  A "O3'" 1 
ATOM   90  C "C2'" . DA  A 1 5  ? -8.036  2.028   2.150   1.00 33.96 ? 5  DA  A "C2'" 1 
ATOM   91  C "C1'" . DA  A 1 5  ? -7.689  2.798   0.874   1.00 23.22 ? 5  DA  A "C1'" 1 
ATOM   92  N N9    . DA  A 1 5  ? -6.291  3.250   0.874   1.00 17.23 ? 5  DA  A N9    1 
ATOM   93  C C8    . DA  A 1 5  ? -5.630  3.883   1.899   1.00 18.26 ? 5  DA  A C8    1 
ATOM   94  N N7    . DA  A 1 5  ? -4.370  4.176   1.609   1.00 26.07 ? 5  DA  A N7    1 
ATOM   95  C C5    . DA  A 1 5  ? -4.219  3.739   0.284   1.00 17.96 ? 5  DA  A C5    1 
ATOM   96  C C6    . DA  A 1 5  ? -3.117  3.839   -0.598  1.00 13.71 ? 5  DA  A C6    1 
ATOM   97  N N6    . DA  A 1 5  ? -1.939  4.356   -0.298  1.00 15.07 ? 5  DA  A N6    1 
ATOM   98  N N1    . DA  A 1 5  ? -3.319  3.281   -1.821  1.00 21.86 ? 5  DA  A N1    1 
ATOM   99  C C2    . DA  A 1 5  ? -4.511  2.731   -2.203  1.00 17.18 ? 5  DA  A C2    1 
ATOM   100 N N3    . DA  A 1 5  ? -5.606  2.680   -1.408  1.00 23.83 ? 5  DA  A N3    1 
ATOM   101 C C4    . DA  A 1 5  ? -5.393  3.189   -0.181  1.00 18.42 ? 5  DA  A C4    1 
ATOM   102 P P     . DA  A 1 6  ? -10.411 -0.297  1.422   1.00 40.96 ? 6  DA  A P     1 
ATOM   103 O OP1   . DA  A 1 6  ? -11.805 -0.767  1.186   1.00 49.94 ? 6  DA  A OP1   1 
ATOM   104 O OP2   . DA  A 1 6  ? -9.961  -0.463  2.838   1.00 45.33 ? 6  DA  A OP2   1 
ATOM   105 O "O5'" . DA  A 1 6  ? -9.458  -0.974  0.327   1.00 32.76 ? 6  DA  A "O5'" 1 
ATOM   106 C "C5'" . DA  A 1 6  ? -9.774  -0.683  -1.072  1.00 27.26 ? 6  DA  A "C5'" 1 
ATOM   107 C "C4'" . DA  A 1 6  ? -8.626  -1.343  -1.805  1.00 22.89 ? 6  DA  A "C4'" 1 
ATOM   108 O "O4'" . DA  A 1 6  ? -7.448  -0.642  -1.534  1.00 29.91 ? 6  DA  A "O4'" 1 
ATOM   109 C "C3'" . DA  A 1 6  ? -8.350  -2.791  -1.422  1.00 28.49 ? 6  DA  A "C3'" 1 
ATOM   110 O "O3'" . DA  A 1 6  ? -8.339  -3.567  -2.617  1.00 29.35 ? 6  DA  A "O3'" 1 
ATOM   111 C "C2'" . DA  A 1 6  ? -6.951  -2.772  -0.790  1.00 30.33 ? 6  DA  A "C2'" 1 
ATOM   112 C "C1'" . DA  A 1 6  ? -6.329  -1.554  -1.388  1.00 17.35 ? 6  DA  A "C1'" 1 
ATOM   113 N N9    . DA  A 1 6  ? -5.361  -0.882  -0.500  1.00 16.47 ? 6  DA  A N9    1 
ATOM   114 C C8    . DA  A 1 6  ? -5.509  -0.511  0.799   1.00 11.77 ? 6  DA  A C8    1 
ATOM   115 N N7    . DA  A 1 6  ? -4.447  0.083   1.294   1.00 13.85 ? 6  DA  A N7    1 
ATOM   116 C C5    . DA  A 1 6  ? -3.563  0.136   0.225   1.00 11.90 ? 6  DA  A C5    1 
ATOM   117 C C6    . DA  A 1 6  ? -2.244  0.651   0.121   1.00 16.46 ? 6  DA  A C6    1 
ATOM   118 N N6    . DA  A 1 6  ? -1.594  1.257   1.106   1.00 13.61 ? 6  DA  A N6    1 
ATOM   119 N N1    . DA  A 1 6  ? -1.661  0.483   -1.094  1.00 20.82 ? 6  DA  A N1    1 
ATOM   120 C C2    . DA  A 1 6  ? -2.293  -0.127  -2.134  1.00 19.82 ? 6  DA  A C2    1 
ATOM   121 N N3    . DA  A 1 6  ? -3.519  -0.640  -2.086  1.00 24.79 ? 6  DA  A N3    1 
ATOM   122 C C4    . DA  A 1 6  ? -4.105  -0.460  -0.883  1.00 14.78 ? 6  DA  A C4    1 
ATOM   123 P P     . DT  A 1 7  ? -8.326  -5.152  -2.638  1.00 29.48 ? 7  DT  A P     1 
ATOM   124 O OP1   . DT  A 1 7  ? -9.239  -5.694  -3.670  1.00 28.02 ? 7  DT  A OP1   1 
ATOM   125 O OP2   . DT  A 1 7  ? -8.598  -5.455  -1.209  1.00 30.70 ? 7  DT  A OP2   1 
ATOM   126 O "O5'" . DT  A 1 7  ? -6.839  -5.499  -3.075  1.00 33.64 ? 7  DT  A "O5'" 1 
ATOM   127 C "C5'" . DT  A 1 7  ? -6.298  -4.761  -4.196  1.00 32.31 ? 7  DT  A "C5'" 1 
ATOM   128 C "C4'" . DT  A 1 7  ? -4.798  -4.835  -3.976  1.00 27.18 ? 7  DT  A "C4'" 1 
ATOM   129 O "O4'" . DT  A 1 7  ? -4.464  -4.093  -2.812  1.00 32.56 ? 7  DT  A "O4'" 1 
ATOM   130 C "C3'" . DT  A 1 7  ? -4.241  -6.224  -3.721  1.00 21.79 ? 7  DT  A "C3'" 1 
ATOM   131 O "O3'" . DT  A 1 7  ? -3.470  -6.627  -4.844  1.00 35.39 ? 7  DT  A "O3'" 1 
ATOM   132 C "C2'" . DT  A 1 7  ? -3.413  -6.055  -2.457  1.00 23.12 ? 7  DT  A "C2'" 1 
ATOM   133 C "C1'" . DT  A 1 7  ? -3.095  -4.559  -2.548  1.00 17.55 ? 7  DT  A "C1'" 1 
ATOM   134 N N1    . DT  A 1 7  ? -2.766  -4.025  -1.214  1.00 21.74 ? 7  DT  A N1    1 
ATOM   135 C C2    . DT  A 1 7  ? -1.546  -3.371  -1.108  1.00 23.49 ? 7  DT  A C2    1 
ATOM   136 O O2    . DT  A 1 7  ? -0.767  -3.284  -2.056  1.00 31.41 ? 7  DT  A O2    1 
ATOM   137 N N3    . DT  A 1 7  ? -1.185  -2.882  0.115   1.00 15.72 ? 7  DT  A N3    1 
ATOM   138 C C4    . DT  A 1 7  ? -2.018  -2.971  1.188   1.00 14.50 ? 7  DT  A C4    1 
ATOM   139 O O4    . DT  A 1 7  ? -1.588  -2.444  2.261   1.00 25.58 ? 7  DT  A O4    1 
ATOM   140 C C5    . DT  A 1 7  ? -3.267  -3.624  1.050   1.00 15.44 ? 7  DT  A C5    1 
ATOM   141 C C7    . DT  A 1 7  ? -4.175  -3.737  2.235   1.00 20.83 ? 7  DT  A C7    1 
ATOM   142 C C6    . DT  A 1 7  ? -3.601  -4.127  -0.142  1.00 16.54 ? 7  DT  A C6    1 
ATOM   143 P P     . DT  A 1 8  ? -2.881  -8.125  -4.976  1.00 30.60 ? 8  DT  A P     1 
ATOM   144 O OP1   . DT  A 1 8  ? -3.036  -8.554  -6.381  1.00 36.79 ? 8  DT  A OP1   1 
ATOM   145 O OP2   . DT  A 1 8  ? -3.615  -8.885  -3.958  1.00 44.15 ? 8  DT  A OP2   1 
ATOM   146 O "O5'" . DT  A 1 8  ? -1.335  -7.865  -4.628  1.00 36.71 ? 8  DT  A "O5'" 1 
ATOM   147 C "C5'" . DT  A 1 8  ? -0.830  -6.773  -5.477  1.00 27.27 ? 8  DT  A "C5'" 1 
ATOM   148 C "C4'" . DT  A 1 8  ? 0.589   -6.548  -5.063  1.00 23.78 ? 8  DT  A "C4'" 1 
ATOM   149 O "O4'" . DT  A 1 8  ? 0.681   -5.859  -3.862  1.00 28.43 ? 8  DT  A "O4'" 1 
ATOM   150 C "C3'" . DT  A 1 8  ? 1.498   -7.754  -4.999  1.00 29.50 ? 8  DT  A "C3'" 1 
ATOM   151 O "O3'" . DT  A 1 8  ? 2.665   -7.546  -5.772  1.00 40.56 ? 8  DT  A "O3'" 1 
ATOM   152 C "C2'" . DT  A 1 8  ? 1.646   -7.955  -3.498  1.00 31.55 ? 8  DT  A "C2'" 1 
ATOM   153 C "C1'" . DT  A 1 8  ? 1.678   -6.522  -3.016  1.00 27.95 ? 8  DT  A "C1'" 1 
ATOM   154 N N1    . DT  A 1 8  ? 1.140   -6.357  -1.648  1.00 24.08 ? 8  DT  A N1    1 
ATOM   155 C C2    . DT  A 1 8  ? 1.825   -5.482  -0.839  1.00 20.88 ? 8  DT  A C2    1 
ATOM   156 O O2    . DT  A 1 8  ? 2.850   -4.933  -1.224  1.00 35.85 ? 8  DT  A O2    1 
ATOM   157 N N3    . DT  A 1 8  ? 1.338   -5.274  0.421   1.00 22.89 ? 8  DT  A N3    1 
ATOM   158 C C4    . DT  A 1 8  ? 0.198   -5.857  0.870   1.00 25.58 ? 8  DT  A C4    1 
ATOM   159 O O4    . DT  A 1 8  ? -0.166  -5.550  2.041   1.00 29.46 ? 8  DT  A O4    1 
ATOM   160 C C5    . DT  A 1 8  ? -0.497  -6.738  0.003   1.00 20.43 ? 8  DT  A C5    1 
ATOM   161 C C7    . DT  A 1 8  ? -1.757  -7.411  0.452   1.00 23.81 ? 8  DT  A C7    1 
ATOM   162 C C6    . DT  A 1 8  ? -0.015  -6.950  -1.223  1.00 19.17 ? 8  DT  A C6    1 
ATOM   163 P P     . DT  A 1 9  ? 3.821   -8.644  -6.022  1.00 47.19 ? 9  DT  A P     1 
ATOM   164 O OP1   . DT  A 1 9  ? 4.240   -8.581  -7.450  1.00 48.04 ? 9  DT  A OP1   1 
ATOM   165 O OP2   . DT  A 1 9  ? 3.232   -9.941  -5.612  1.00 45.17 ? 9  DT  A OP2   1 
ATOM   166 O "O5'" . DT  A 1 9  ? 4.972   -8.127  -5.045  1.00 42.08 ? 9  DT  A "O5'" 1 
ATOM   167 C "C5'" . DT  A 1 9  ? 4.882   -6.730  -4.657  1.00 38.98 ? 9  DT  A "C5'" 1 
ATOM   168 C "C4'" . DT  A 1 9  ? 6.062   -6.474  -3.789  1.00 37.21 ? 9  DT  A "C4'" 1 
ATOM   169 O "O4'" . DT  A 1 9  ? 5.753   -6.126  -2.480  1.00 38.87 ? 9  DT  A "O4'" 1 
ATOM   170 C "C3'" . DT  A 1 9  ? 7.112   -7.584  -3.739  1.00 36.75 ? 9  DT  A "C3'" 1 
ATOM   171 O "O3'" . DT  A 1 9  ? 8.398   -6.975  -3.717  1.00 44.49 ? 9  DT  A "O3'" 1 
ATOM   172 C "C2'" . DT  A 1 9  ? 6.753   -8.279  -2.440  1.00 34.45 ? 9  DT  A "C2'" 1 
ATOM   173 C "C1'" . DT  A 1 9  ? 6.321   -7.106  -1.573  1.00 30.33 ? 9  DT  A "C1'" 1 
ATOM   174 N N1    . DT  A 1 9  ? 5.232   -7.568  -0.680  1.00 30.20 ? 9  DT  A N1    1 
ATOM   175 C C2    . DT  A 1 9  ? 5.213   -7.027  0.598   1.00 26.30 ? 9  DT  A C2    1 
ATOM   176 O O2    . DT  A 1 9  ? 6.069   -6.229  0.962   1.00 32.59 ? 9  DT  A O2    1 
ATOM   177 N N3    . DT  A 1 9  ? 4.220   -7.423  1.446   1.00 25.69 ? 9  DT  A N3    1 
ATOM   178 C C4    . DT  A 1 9  ? 3.276   -8.327  1.067   1.00 28.38 ? 9  DT  A C4    1 
ATOM   179 O O4    . DT  A 1 9  ? 2.399   -8.622  1.939   1.00 35.55 ? 9  DT  A O4    1 
ATOM   180 C C5    . DT  A 1 9  ? 3.315   -8.864  -0.257  1.00 26.24 ? 9  DT  A C5    1 
ATOM   181 C C7    . DT  A 1 9  ? 2.303   -9.864  -0.721  1.00 30.00 ? 9  DT  A C7    1 
ATOM   182 C C6    . DT  A 1 9  ? 4.277   -8.450  -1.087  1.00 25.25 ? 9  DT  A C6    1 
ATOM   183 P P     . DG  A 1 10 ? 9.795   -7.714  -3.888  1.00 51.57 ? 10 DG  A P     1 
ATOM   184 O OP1   . DG  A 1 10 ? 10.745  -6.764  -4.590  1.00 55.21 ? 10 DG  A OP1   1 
ATOM   185 O OP2   . DG  A 1 10 ? 9.520   -8.953  -4.655  1.00 41.76 ? 10 DG  A OP2   1 
ATOM   186 O "O5'" . DG  A 1 10 ? 10.293  -7.870  -2.370  1.00 42.37 ? 10 DG  A "O5'" 1 
ATOM   187 C "C5'" . DG  A 1 10 ? 10.662  -6.607  -1.715  1.00 32.95 ? 10 DG  A "C5'" 1 
ATOM   188 C "C4'" . DG  A 1 10 ? 10.939  -7.055  -0.292  1.00 34.60 ? 10 DG  A "C4'" 1 
ATOM   189 O "O4'" . DG  A 1 10 ? 9.728   -7.395  0.346   1.00 29.21 ? 10 DG  A "O4'" 1 
ATOM   190 C "C3'" . DG  A 1 10 ? 11.809  -8.318  -0.236  1.00 33.61 ? 10 DG  A "C3'" 1 
ATOM   191 O "O3'" . DG  A 1 10 ? 12.532  -8.353  1.008   1.00 45.21 ? 10 DG  A "O3'" 1 
ATOM   192 C "C2'" . DG  A 1 10 ? 10.713  -9.413  -0.191  1.00 31.19 ? 10 DG  A "C2'" 1 
ATOM   193 C "C1'" . DG  A 1 10 ? 9.904   -8.728  0.903   1.00 29.85 ? 10 DG  A "C1'" 1 
ATOM   194 N N9    . DG  A 1 10 ? 8.606   -9.385  1.083   1.00 26.63 ? 10 DG  A N9    1 
ATOM   195 C C8    . DG  A 1 10 ? 7.918   -10.208 0.244   1.00 23.18 ? 10 DG  A C8    1 
ATOM   196 N N7    . DG  A 1 10 ? 6.779   -10.629 0.744   1.00 23.85 ? 10 DG  A N7    1 
ATOM   197 C C5    . DG  A 1 10 ? 6.702   -10.021 1.994   1.00 19.83 ? 10 DG  A C5    1 
ATOM   198 C C6    . DG  A 1 10 ? 5.710   -10.051 3.000   1.00 20.45 ? 10 DG  A C6    1 
ATOM   199 O O6    . DG  A 1 10 ? 4.647   -10.682 2.977   1.00 27.35 ? 10 DG  A O6    1 
ATOM   200 N N1    . DG  A 1 10 ? 5.991   -9.312  4.116   1.00 22.14 ? 10 DG  A N1    1 
ATOM   201 C C2    . DG  A 1 10 ? 7.158   -8.602  4.215   1.00 24.00 ? 10 DG  A C2    1 
ATOM   202 N N2    . DG  A 1 10 ? 7.354   -7.918  5.344   1.00 27.19 ? 10 DG  A N2    1 
ATOM   203 N N3    . DG  A 1 10 ? 8.119   -8.516  3.302   1.00 29.47 ? 10 DG  A N3    1 
ATOM   204 C C4    . DG  A 1 10 ? 7.828   -9.262  2.213   1.00 23.83 ? 10 DG  A C4    1 
ATOM   205 P P     . DC  A 1 11 ? 14.017  -7.743  1.103   1.00 45.71 ? 11 DC  A P     1 
ATOM   206 O OP1   . DC  A 1 11 ? 14.163  -6.552  0.212   1.00 52.60 ? 11 DC  A OP1   1 
ATOM   207 O OP2   . DC  A 1 11 ? 14.830  -8.931  0.749   1.00 46.07 ? 11 DC  A OP2   1 
ATOM   208 O "O5'" . DC  A 1 11 ? 14.151  -7.264  2.608   1.00 43.80 ? 11 DC  A "O5'" 1 
ATOM   209 C "C5'" . DC  A 1 11 ? 13.823  -5.867  2.901   1.00 37.37 ? 11 DC  A "C5'" 1 
ATOM   210 C "C4'" . DC  A 1 11 ? 13.327  -5.976  4.337   1.00 37.07 ? 11 DC  A "C4'" 1 
ATOM   211 O "O4'" . DC  A 1 11 ? 12.218  -6.846  4.408   1.00 37.02 ? 11 DC  A "O4'" 1 
ATOM   212 C "C3'" . DC  A 1 11 ? 14.373  -6.595  5.271   1.00 35.27 ? 11 DC  A "C3'" 1 
ATOM   213 O "O3'" . DC  A 1 11 ? 14.243  -5.942  6.531   1.00 40.16 ? 11 DC  A "O3'" 1 
ATOM   214 C "C2'" . DC  A 1 11 ? 13.940  -8.069  5.347   1.00 33.81 ? 11 DC  A "C2'" 1 
ATOM   215 C "C1'" . DC  A 1 11 ? 12.455  -7.853  5.430   1.00 28.98 ? 11 DC  A "C1'" 1 
ATOM   216 N N1    . DC  A 1 11 ? 11.676  -9.035  5.048   1.00 28.07 ? 11 DC  A N1    1 
ATOM   217 C C2    . DC  A 1 11 ? 10.597  -9.326  5.875   1.00 28.03 ? 11 DC  A C2    1 
ATOM   218 O O2    . DC  A 1 11 ? 10.352  -8.668  6.885   1.00 38.02 ? 11 DC  A O2    1 
ATOM   219 N N3    . DC  A 1 11 ? 9.799   -10.381 5.557   1.00 24.07 ? 11 DC  A N3    1 
ATOM   220 C C4    . DC  A 1 11 ? 10.053  -11.144 4.464   1.00 31.68 ? 11 DC  A C4    1 
ATOM   221 N N4    . DC  A 1 11 ? 9.235   -12.178 4.235   1.00 40.12 ? 11 DC  A N4    1 
ATOM   222 C C5    . DC  A 1 11 ? 11.148  -10.830 3.614   1.00 30.82 ? 11 DC  A C5    1 
ATOM   223 C C6    . DC  A 1 11 ? 11.914  -9.771  3.941   1.00 23.25 ? 11 DC  A C6    1 
ATOM   224 P P     . DG  A 1 12 ? 15.454  -5.957  7.578   1.00 53.69 ? 12 DG  A P     1 
ATOM   225 O OP1   . DG  A 1 12 ? 15.664  -4.598  8.157   1.00 44.39 ? 12 DG  A OP1   1 
ATOM   226 O OP2   . DG  A 1 12 ? 16.594  -6.485  6.800   1.00 53.22 ? 12 DG  A OP2   1 
ATOM   227 O "O5'" . DG  A 1 12 ? 14.948  -7.030  8.644   1.00 51.28 ? 12 DG  A "O5'" 1 
ATOM   228 C "C5'" . DG  A 1 12 ? 14.127  -6.567  9.747   1.00 42.33 ? 12 DG  A "C5'" 1 
ATOM   229 C "C4'" . DG  A 1 12 ? 13.792  -7.879  10.436  1.00 43.39 ? 12 DG  A "C4'" 1 
ATOM   230 O "O4'" . DG  A 1 12 ? 13.099  -8.710  9.544   1.00 39.26 ? 12 DG  A "O4'" 1 
ATOM   231 C "C3'" . DG  A 1 12 ? 14.974  -8.685  10.964  1.00 36.70 ? 12 DG  A "C3'" 1 
ATOM   232 O "O3'" . DG  A 1 12 ? 14.851  -8.805  12.392  1.00 47.86 ? 12 DG  A "O3'" 1 
ATOM   233 C "C2'" . DG  A 1 12 ? 14.826  -10.066 10.328  1.00 35.57 ? 12 DG  A "C2'" 1 
ATOM   234 C "C1'" . DG  A 1 12 ? 13.339  -10.070 9.978   1.00 31.55 ? 12 DG  A "C1'" 1 
ATOM   235 N N9    . DG  A 1 12 ? 13.152  -10.955 8.821   1.00 24.31 ? 12 DG  A N9    1 
ATOM   236 C C8    . DG  A 1 12 ? 13.968  -11.120 7.745   1.00 23.74 ? 12 DG  A C8    1 
ATOM   237 N N7    . DG  A 1 12 ? 13.551  -12.002 6.881   1.00 26.90 ? 12 DG  A N7    1 
ATOM   238 C C5    . DG  A 1 12 ? 12.339  -12.443 7.442   1.00 24.81 ? 12 DG  A C5    1 
ATOM   239 C C6    . DG  A 1 12 ? 11.390  -13.393 6.982   1.00 28.27 ? 12 DG  A C6    1 
ATOM   240 O O6    . DG  A 1 12 ? 11.447  -14.070 5.948   1.00 33.99 ? 12 DG  A O6    1 
ATOM   241 N N1    . DG  A 1 12 ? 10.306  -13.536 7.798   1.00 25.90 ? 12 DG  A N1    1 
ATOM   242 C C2    . DG  A 1 12 ? 10.165  -12.848 8.962   1.00 22.83 ? 12 DG  A C2    1 
ATOM   243 N N2    . DG  A 1 12 ? 9.049   -13.145 9.640   1.00 29.90 ? 12 DG  A N2    1 
ATOM   244 N N3    . DG  A 1 12 ? 10.998  -11.919 9.425   1.00 22.99 ? 12 DG  A N3    1 
ATOM   245 C C4    . DG  A 1 12 ? 12.075  -11.786 8.622   1.00 23.27 ? 12 DG  A C4    1 
ATOM   246 O "O5'" . DC  B 1 1  ? 4.057   -19.743 6.770   1.00 60.67 ? 13 DC  B "O5'" 1 
ATOM   247 C "C5'" . DC  B 1 1  ? 3.978   -20.110 8.181   1.00 46.87 ? 13 DC  B "C5'" 1 
ATOM   248 C "C4'" . DC  B 1 1  ? 4.147   -18.808 8.945   1.00 37.01 ? 13 DC  B "C4'" 1 
ATOM   249 O "O4'" . DC  B 1 1  ? 5.454   -18.294 8.774   1.00 39.70 ? 13 DC  B "O4'" 1 
ATOM   250 C "C3'" . DC  B 1 1  ? 3.217   -17.699 8.473   1.00 39.50 ? 13 DC  B "C3'" 1 
ATOM   251 O "O3'" . DC  B 1 1  ? 2.983   -16.724 9.511   1.00 43.91 ? 13 DC  B "O3'" 1 
ATOM   252 C "C2'" . DC  B 1 1  ? 4.111   -17.063 7.386   1.00 37.84 ? 13 DC  B "C2'" 1 
ATOM   253 C "C1'" . DC  B 1 1  ? 5.385   -16.954 8.247   1.00 35.90 ? 13 DC  B "C1'" 1 
ATOM   254 N N1    . DC  B 1 1  ? 6.481   -16.587 7.340   1.00 35.67 ? 13 DC  B N1    1 
ATOM   255 C C2    . DC  B 1 1  ? 7.298   -15.544 7.740   1.00 31.55 ? 13 DC  B C2    1 
ATOM   256 O O2    . DC  B 1 1  ? 7.136   -14.995 8.821   1.00 31.07 ? 13 DC  B O2    1 
ATOM   257 N N3    . DC  B 1 1  ? 8.311   -15.173 6.905   1.00 38.82 ? 13 DC  B N3    1 
ATOM   258 C C4    . DC  B 1 1  ? 8.514   -15.776 5.698   1.00 42.34 ? 13 DC  B C4    1 
ATOM   259 N N4    . DC  B 1 1  ? 9.509   -15.359 4.916   1.00 39.48 ? 13 DC  B N4    1 
ATOM   260 C C5    . DC  B 1 1  ? 7.664   -16.845 5.299   1.00 41.32 ? 13 DC  B C5    1 
ATOM   261 C C6    . DC  B 1 1  ? 6.682   -17.202 6.135   1.00 39.62 ? 13 DC  B C6    1 
ATOM   262 P P     . DG  B 1 2  ? 1.469   -16.625 10.059  1.00 57.22 ? 14 DG  B P     1 
ATOM   263 O OP1   . DG  B 1 2  ? 1.174   -17.936 10.715  1.00 42.14 ? 14 DG  B OP1   1 
ATOM   264 O OP2   . DG  B 1 2  ? 0.686   -16.324 8.818   1.00 39.77 ? 14 DG  B OP2   1 
ATOM   265 O "O5'" . DG  B 1 2  ? 1.453   -15.397 11.067  1.00 42.25 ? 14 DG  B "O5'" 1 
ATOM   266 C "C5'" . DG  B 1 2  ? 2.503   -15.222 12.019  1.00 38.83 ? 14 DG  B "C5'" 1 
ATOM   267 C "C4'" . DG  B 1 2  ? 3.068   -13.854 11.780  1.00 29.88 ? 14 DG  B "C4'" 1 
ATOM   268 O "O4'" . DG  B 1 2  ? 4.070   -13.843 10.813  1.00 28.69 ? 14 DG  B "O4'" 1 
ATOM   269 C "C3'" . DG  B 1 2  ? 2.077   -12.761 11.461  1.00 29.98 ? 14 DG  B "C3'" 1 
ATOM   270 O "O3'" . DG  B 1 2  ? 2.056   -11.777 12.480  1.00 33.18 ? 14 DG  B "O3'" 1 
ATOM   271 C "C2'" . DG  B 1 2  ? 2.594   -12.192 10.145  1.00 33.40 ? 14 DG  B "C2'" 1 
ATOM   272 C "C1'" . DG  B 1 2  ? 4.101   -12.495 10.224  1.00 31.08 ? 14 DG  B "C1'" 1 
ATOM   273 N N9    . DG  B 1 2  ? 4.531   -12.676 8.814   1.00 24.73 ? 14 DG  B N9    1 
ATOM   274 C C8    . DG  B 1 2  ? 3.894   -13.458 7.901   1.00 22.60 ? 14 DG  B C8    1 
ATOM   275 N N7    . DG  B 1 2  ? 4.472   -13.463 6.733   1.00 30.10 ? 14 DG  B N7    1 
ATOM   276 C C5    . DG  B 1 2  ? 5.563   -12.601 6.888   1.00 26.08 ? 14 DG  B C5    1 
ATOM   277 C C6    . DG  B 1 2  ? 6.556   -12.187 5.966   1.00 19.91 ? 14 DG  B C6    1 
ATOM   278 O O6    . DG  B 1 2  ? 6.659   -12.536 4.783   1.00 28.19 ? 14 DG  B O6    1 
ATOM   279 N N1    . DG  B 1 2  ? 7.468   -11.319 6.482   1.00 16.70 ? 14 DG  B N1    1 
ATOM   280 C C2    . DG  B 1 2  ? 7.418   -10.898 7.778   1.00 19.74 ? 14 DG  B C2    1 
ATOM   281 N N2    . DG  B 1 2  ? 8.396   -10.034 8.080   1.00 22.74 ? 14 DG  B N2    1 
ATOM   282 N N3    . DG  B 1 2  ? 6.520   -11.259 8.698   1.00 21.43 ? 14 DG  B N3    1 
ATOM   283 C C4    . DG  B 1 2  ? 5.616   -12.120 8.181   1.00 25.13 ? 14 DG  B C4    1 
ATOM   284 P P     . DC  B 1 3  ? 1.052   -10.562 12.583  1.00 33.57 ? 15 DC  B P     1 
ATOM   285 O OP1   . DC  B 1 3  ? 0.479   -10.520 13.953  1.00 40.98 ? 15 DC  B OP1   1 
ATOM   286 O OP2   . DC  B 1 3  ? 0.078   -10.769 11.478  1.00 29.92 ? 15 DC  B OP2   1 
ATOM   287 O "O5'" . DC  B 1 3  ? 1.894   -9.250  12.413  1.00 39.43 ? 15 DC  B "O5'" 1 
ATOM   288 C "C5'" . DC  B 1 3  ? 3.132   -8.938  13.049  1.00 30.77 ? 15 DC  B "C5'" 1 
ATOM   289 C "C4'" . DC  B 1 3  ? 3.881   -8.172  11.962  1.00 30.53 ? 15 DC  B "C4'" 1 
ATOM   290 O "O4'" . DC  B 1 3  ? 3.749   -8.945  10.767  1.00 30.17 ? 15 DC  B "O4'" 1 
ATOM   291 C "C3'" . DC  B 1 3  ? 3.246   -6.862  11.547  1.00 32.32 ? 15 DC  B "C3'" 1 
ATOM   292 O "O3'" . DC  B 1 3  ? 3.681   -5.732  12.283  1.00 41.11 ? 15 DC  B "O3'" 1 
ATOM   293 C "C2'" . DC  B 1 3  ? 3.535   -6.733  10.048  1.00 34.17 ? 15 DC  B "C2'" 1 
ATOM   294 C "C1'" . DC  B 1 3  ? 4.152   -8.039  9.698   1.00 20.93 ? 15 DC  B "C1'" 1 
ATOM   295 N N1    . DC  B 1 3  ? 3.726   -8.688  8.453   1.00 19.16 ? 15 DC  B N1    1 
ATOM   296 C C2    . DC  B 1 3  ? 4.576   -8.576  7.372   1.00 16.12 ? 15 DC  B C2    1 
ATOM   297 O O2    . DC  B 1 3  ? 5.607   -7.906  7.477   1.00 24.29 ? 15 DC  B O2    1 
ATOM   298 N N3    . DC  B 1 3  ? 4.230   -9.208  6.215   1.00 17.27 ? 15 DC  B N3    1 
ATOM   299 C C4    . DC  B 1 3  ? 3.107   -9.961  6.124   1.00 14.69 ? 15 DC  B C4    1 
ATOM   300 N N4    . DC  B 1 3  ? 2.817   -10.550 4.956   1.00 22.81 ? 15 DC  B N4    1 
ATOM   301 C C5    . DC  B 1 3  ? 2.249   -10.082 7.239   1.00 22.01 ? 15 DC  B C5    1 
ATOM   302 C C6    . DC  B 1 3  ? 2.610   -9.456  8.374   1.00 18.10 ? 15 DC  B C6    1 
HETATM 303 P P     . 6OG B 1 4  ? 2.862   -4.333  12.135  1.00 31.58 ? 16 6OG B P     1 
HETATM 304 O OP1   . 6OG B 1 4  ? 2.877   -3.672  13.475  1.00 38.25 ? 16 6OG B OP1   1 
HETATM 305 O OP2   . 6OG B 1 4  ? 1.588   -4.779  11.603  1.00 31.18 ? 16 6OG B OP2   1 
HETATM 306 O "O5'" . 6OG B 1 4  ? 3.784   -3.486  11.130  1.00 32.21 ? 16 6OG B "O5'" 1 
HETATM 307 N N9    . 6OG B 1 4  ? 4.132   -4.157  7.473   1.00 18.39 ? 16 6OG B N9    1 
HETATM 308 C C4    . 6OG B 1 4  ? 4.415   -4.794  6.275   1.00 18.55 ? 16 6OG B C4    1 
HETATM 309 N N3    . 6OG B 1 4  ? 5.567   -4.702  5.566   1.00 19.53 ? 16 6OG B N3    1 
HETATM 310 C C2    . 6OG B 1 4  ? 5.532   -5.442  4.474   1.00 19.38 ? 16 6OG B C2    1 
HETATM 311 N N2    . 6OG B 1 4  ? 6.611   -5.458  3.684   1.00 28.10 ? 16 6OG B N2    1 
HETATM 312 N N1    . 6OG B 1 4  ? 4.490   -6.213  4.036   1.00 21.47 ? 16 6OG B N1    1 
HETATM 313 C C6    . 6OG B 1 4  ? 3.323   -6.277  4.752   1.00 23.46 ? 16 6OG B C6    1 
HETATM 314 O O6    . 6OG B 1 4  ? 2.342   -7.017  4.255   1.00 25.42 ? 16 6OG B O6    1 
HETATM 315 C C5    . 6OG B 1 4  ? 3.303   -5.522  5.947   1.00 15.71 ? 16 6OG B C5    1 
HETATM 316 N N7    . 6OG B 1 4  ? 2.295   -5.340  6.892   1.00 21.86 ? 16 6OG B N7    1 
HETATM 317 C C8    . 6OG B 1 4  ? 2.860   -4.528  7.778   1.00 14.71 ? 16 6OG B C8    1 
HETATM 318 C "C2'" . 6OG B 1 4  ? 4.336   -2.133  8.856   1.00 26.36 ? 16 6OG B "C2'" 1 
HETATM 319 C "C5'" . 6OG B 1 4  ? 5.155   -3.382  11.606  1.00 25.52 ? 16 6OG B "C5'" 1 
HETATM 320 C "C4'" . 6OG B 1 4  ? 5.921   -3.013  10.347  1.00 24.08 ? 16 6OG B "C4'" 1 
HETATM 321 O "O4'" . 6OG B 1 4  ? 5.664   -3.975  9.343   1.00 30.93 ? 16 6OG B "O4'" 1 
HETATM 322 C "C1'" . 6OG B 1 4  ? 5.052   -3.288  8.198   1.00 24.05 ? 16 6OG B "C1'" 1 
HETATM 323 C "C3'" . 6OG B 1 4  ? 5.395   -1.657  9.849   1.00 32.67 ? 16 6OG B "C3'" 1 
HETATM 324 O "O3'" . 6OG B 1 4  ? 6.407   -0.789  9.471   1.00 42.84 ? 16 6OG B "O3'" 1 
HETATM 325 C C     . 6OG B 1 4  ? 1.097   -7.001  4.977   1.00 26.04 ? 16 6OG B C     1 
ATOM   326 P P     . DA  B 1 5  ? 6.656   0.626   8.824   1.00 37.65 ? 17 DA  B P     1 
ATOM   327 O OP1   . DA  B 1 5  ? 7.678   1.392   9.627   1.00 44.13 ? 17 DA  B OP1   1 
ATOM   328 O OP2   . DA  B 1 5  ? 5.349   1.329   8.812   1.00 41.81 ? 17 DA  B OP2   1 
ATOM   329 O "O5'" . DA  B 1 5  ? 7.223   0.344   7.336   1.00 42.26 ? 17 DA  B "O5'" 1 
ATOM   330 C "C5'" . DA  B 1 5  ? 7.860   -0.921  7.032   1.00 38.64 ? 17 DA  B "C5'" 1 
ATOM   331 C "C4'" . DA  B 1 5  ? 8.329   -0.972  5.624   1.00 28.33 ? 17 DA  B "C4'" 1 
ATOM   332 O "O4'" . DA  B 1 5  ? 7.593   -1.860  4.818   1.00 34.56 ? 17 DA  B "O4'" 1 
ATOM   333 C "C3'" . DA  B 1 5  ? 8.215   0.356   4.849   1.00 25.79 ? 17 DA  B "C3'" 1 
ATOM   334 O "O3'" . DA  B 1 5  ? 8.896   0.141   3.589   1.00 38.65 ? 17 DA  B "O3'" 1 
ATOM   335 C "C2'" . DA  B 1 5  ? 6.713   0.293   4.550   1.00 23.21 ? 17 DA  B "C2'" 1 
ATOM   336 C "C1'" . DA  B 1 5  ? 6.645   -1.156  3.987   1.00 19.99 ? 17 DA  B "C1'" 1 
ATOM   337 N N9    . DA  B 1 5  ? 5.242   -1.582  4.127   1.00 18.26 ? 17 DA  B N9    1 
ATOM   338 C C8    . DA  B 1 5  ? 4.309   -1.196  5.077   1.00 12.61 ? 17 DA  B C8    1 
ATOM   339 N N7    . DA  B 1 5  ? 3.121   -1.709  4.887   1.00 19.29 ? 17 DA  B N7    1 
ATOM   340 C C5    . DA  B 1 5  ? 3.269   -2.508  3.739   1.00 11.16 ? 17 DA  B C5    1 
ATOM   341 C C6    . DA  B 1 5  ? 2.354   -3.336  3.069   1.00 10.93 ? 17 DA  B C6    1 
ATOM   342 N N6    . DA  B 1 5  ? 1.090   -3.541  3.404   1.00 19.75 ? 17 DA  B N6    1 
ATOM   343 N N1    . DA  B 1 5  ? 2.845   -3.958  1.970   1.00 21.29 ? 17 DA  B N1    1 
ATOM   344 C C2    . DA  B 1 5  ? 4.140   -3.816  1.551   1.00 17.00 ? 17 DA  B C2    1 
ATOM   345 N N3    . DA  B 1 5  ? 5.048   -3.049  2.182   1.00 26.78 ? 17 DA  B N3    1 
ATOM   346 C C4    . DA  B 1 5  ? 4.550   -2.429  3.271   1.00 10.67 ? 17 DA  B C4    1 
ATOM   347 P P     . DA  B 1 6  ? 9.523   1.412   2.796   1.00 38.07 ? 18 DA  B P     1 
ATOM   348 O OP1   . DA  B 1 6  ? 11.013  1.324   2.840   1.00 46.65 ? 18 DA  B OP1   1 
ATOM   349 O OP2   . DA  B 1 6  ? 8.935   2.587   3.466   1.00 37.84 ? 18 DA  B OP2   1 
ATOM   350 O "O5'" . DA  B 1 6  ? 9.028   1.096   1.320   1.00 32.74 ? 18 DA  B "O5'" 1 
ATOM   351 C "C5'" . DA  B 1 6  ? 9.332   -0.266  0.852   1.00 31.21 ? 18 DA  B "C5'" 1 
ATOM   352 C "C4'" . DA  B 1 6  ? 8.301   -0.404  -0.264  1.00 40.98 ? 18 DA  B "C4'" 1 
ATOM   353 O "O4'" . DA  B 1 6  ? 7.039   -0.710  0.282   1.00 39.18 ? 18 DA  B "O4'" 1 
ATOM   354 C "C3'" . DA  B 1 6  ? 8.140   0.890   -1.078  1.00 36.79 ? 18 DA  B "C3'" 1 
ATOM   355 O "O3'" . DA  B 1 6  ? 8.477   0.641   -2.416  1.00 47.41 ? 18 DA  B "O3'" 1 
ATOM   356 C "C2'" . DA  B 1 6  ? 6.702   1.296   -0.774  1.00 33.19 ? 18 DA  B "C2'" 1 
ATOM   357 C "C1'" . DA  B 1 6  ? 6.025   -0.063  -0.561  1.00 24.98 ? 18 DA  B "C1'" 1 
ATOM   358 N N9    . DA  B 1 6  ? 4.840   0.095   0.302   1.00 13.90 ? 18 DA  B N9    1 
ATOM   359 C C8    . DA  B 1 6  ? 4.744   0.870   1.425   1.00 16.07 ? 18 DA  B C8    1 
ATOM   360 N N7    . DA  B 1 6  ? 3.582   0.813   2.021   1.00 19.72 ? 18 DA  B N7    1 
ATOM   361 C C5    . DA  B 1 6  ? 2.871   -0.095  1.224   1.00 19.32 ? 18 DA  B C5    1 
ATOM   362 C C6    . DA  B 1 6  ? 1.545   -0.567  1.324   1.00 18.05 ? 18 DA  B C6    1 
ATOM   363 N N6    . DA  B 1 6  ? 0.724   -0.227  2.297   1.00 22.40 ? 18 DA  B N6    1 
ATOM   364 N N1    . DA  B 1 6  ? 1.163   -1.440  0.342   1.00 22.23 ? 18 DA  B N1    1 
ATOM   365 C C2    . DA  B 1 6  ? 1.996   -1.833  -0.669  1.00 20.09 ? 18 DA  B C2    1 
ATOM   366 N N3    . DA  B 1 6  ? 3.271   -1.412  -0.810  1.00 23.57 ? 18 DA  B N3    1 
ATOM   367 C C4    . DA  B 1 6  ? 3.636   -0.540  0.164   1.00 16.91 ? 18 DA  B C4    1 
ATOM   368 P P     . DT  B 1 7  ? 8.435   1.524   -3.742  1.00 45.94 ? 19 DT  B P     1 
ATOM   369 O OP1   . DT  B 1 7  ? 9.432   0.909   -4.682  1.00 46.48 ? 19 DT  B OP1   1 
ATOM   370 O OP2   . DT  B 1 7  ? 8.690   2.913   -3.297  1.00 45.21 ? 19 DT  B OP2   1 
ATOM   371 O "O5'" . DT  B 1 7  ? 6.961   1.325   -4.342  1.00 33.99 ? 19 DT  B "O5'" 1 
ATOM   372 C "C5'" . DT  B 1 7  ? 6.774   -0.053  -4.822  1.00 33.14 ? 19 DT  B "C5'" 1 
ATOM   373 C "C4'" . DT  B 1 7  ? 5.297   -0.253  -4.923  1.00 32.79 ? 19 DT  B "C4'" 1 
ATOM   374 O "O4'" . DT  B 1 7  ? 4.590   0.116   -3.765  1.00 26.42 ? 19 DT  B "O4'" 1 
ATOM   375 C "C3'" . DT  B 1 7  ? 4.622   0.463   -6.083  1.00 31.28 ? 19 DT  B "C3'" 1 
ATOM   376 O "O3'" . DT  B 1 7  ? 4.386   -0.433  -7.170  1.00 36.71 ? 19 DT  B "O3'" 1 
ATOM   377 C "C2'" . DT  B 1 7  ? 3.365   1.084   -5.495  1.00 32.51 ? 19 DT  B "C2'" 1 
ATOM   378 C "C1'" . DT  B 1 7  ? 3.179   0.243   -4.261  1.00 23.44 ? 19 DT  B "C1'" 1 
ATOM   379 N N1    . DT  B 1 7  ? 2.559   0.979   -3.147  1.00 16.89 ? 19 DT  B N1    1 
ATOM   380 C C2    . DT  B 1 7  ? 1.272   0.638   -2.799  1.00 19.73 ? 19 DT  B C2    1 
ATOM   381 O O2    . DT  B 1 7  ? 0.625   -0.180  -3.467  1.00 22.93 ? 19 DT  B O2    1 
ATOM   382 N N3    . DT  B 1 7  ? 0.734   1.292   -1.740  1.00 16.75 ? 19 DT  B N3    1 
ATOM   383 C C4    . DT  B 1 7  ? 1.430   2.190   -1.002  1.00 16.85 ? 19 DT  B C4    1 
ATOM   384 O O4    . DT  B 1 7  ? 0.844   2.703   0.004   1.00 28.23 ? 19 DT  B O4    1 
ATOM   385 C C5    . DT  B 1 7  ? 2.770   2.505   -1.362  1.00 16.89 ? 19 DT  B C5    1 
ATOM   386 C C7    . DT  B 1 7  ? 3.573   3.510   -0.589  1.00 19.61 ? 19 DT  B C7    1 
ATOM   387 C C6    . DT  B 1 7  ? 3.295   1.871   -2.419  1.00 18.13 ? 19 DT  B C6    1 
ATOM   388 P P     . DT  B 1 8  ? 3.866   0.238   -8.540  1.00 41.87 ? 20 DT  B P     1 
ATOM   389 O OP1   . DT  B 1 8  ? 4.468   -0.459  -9.715  1.00 45.84 ? 20 DT  B OP1   1 
ATOM   390 O OP2   . DT  B 1 8  ? 4.285   1.664   -8.429  1.00 33.53 ? 20 DT  B OP2   1 
ATOM   391 O "O5'" . DT  B 1 8  ? 2.300   0.063   -8.377  1.00 44.68 ? 20 DT  B "O5'" 1 
ATOM   392 C "C5'" . DT  B 1 8  ? 1.756   -1.125  -7.764  1.00 37.63 ? 20 DT  B "C5'" 1 
ATOM   393 C "C4'" . DT  B 1 8  ? 0.273   -0.876  -7.719  1.00 29.39 ? 20 DT  B "C4'" 1 
ATOM   394 O "O4'" . DT  B 1 8  ? -0.103  -0.216  -6.556  1.00 33.67 ? 20 DT  B "O4'" 1 
ATOM   395 C "C3'" . DT  B 1 8  ? -0.336  -0.112  -8.882  1.00 30.27 ? 20 DT  B "C3'" 1 
ATOM   396 O "O3'" . DT  B 1 8  ? -1.524  -0.798  -9.266  1.00 40.99 ? 20 DT  B "O3'" 1 
ATOM   397 C "C2'" . DT  B 1 8  ? -0.587  1.260   -8.253  1.00 36.65 ? 20 DT  B "C2'" 1 
ATOM   398 C "C1'" . DT  B 1 8  ? -1.038  0.870   -6.853  1.00 22.93 ? 20 DT  B "C1'" 1 
ATOM   399 N N1    . DT  B 1 8  ? -0.741  1.913   -5.857  1.00 21.59 ? 20 DT  B N1    1 
ATOM   400 C C2    . DT  B 1 8  ? -1.671  2.065   -4.841  1.00 25.15 ? 20 DT  B C2    1 
ATOM   401 O O2    . DT  B 1 8  ? -2.708  1.418   -4.778  1.00 34.66 ? 20 DT  B O2    1 
ATOM   402 N N3    . DT  B 1 8  ? -1.418  3.006   -3.862  1.00 26.14 ? 20 DT  B N3    1 
ATOM   403 C C4    . DT  B 1 8  ? -0.276  3.756   -3.859  1.00 21.72 ? 20 DT  B C4    1 
ATOM   404 O O4    . DT  B 1 8  ? -0.159  4.566   -2.903  1.00 25.47 ? 20 DT  B O4    1 
ATOM   405 C C5    . DT  B 1 8  ? 0.678   3.577   -4.912  1.00 20.32 ? 20 DT  B C5    1 
ATOM   406 C C7    . DT  B 1 8  ? 1.933   4.400   -4.919  1.00 19.90 ? 20 DT  B C7    1 
ATOM   407 C C6    . DT  B 1 8  ? 0.420   2.649   -5.857  1.00 22.06 ? 20 DT  B C6    1 
ATOM   408 P P     . DT  B 1 9  ? -2.396  -0.528  -10.587 1.00 39.22 ? 21 DT  B P     1 
ATOM   409 O OP1   . DT  B 1 9  ? -2.637  -1.823  -11.282 1.00 47.43 ? 21 DT  B OP1   1 
ATOM   410 O OP2   . DT  B 1 9  ? -1.571  0.433   -11.341 1.00 49.23 ? 21 DT  B OP2   1 
ATOM   411 O "O5'" . DT  B 1 9  ? -3.762  0.120   -10.037 1.00 39.71 ? 21 DT  B "O5'" 1 
ATOM   412 C "C5'" . DT  B 1 9  ? -4.376  -0.441  -8.843  1.00 23.31 ? 21 DT  B "C5'" 1 
ATOM   413 C "C4'" . DT  B 1 9  ? -5.348  0.566   -8.344  1.00 25.24 ? 21 DT  B "C4'" 1 
ATOM   414 O "O4'" . DT  B 1 9  ? -4.851  1.418   -7.363  1.00 25.26 ? 21 DT  B "O4'" 1 
ATOM   415 C "C3'" . DT  B 1 9  ? -6.028  1.406   -9.416  1.00 35.38 ? 21 DT  B "C3'" 1 
ATOM   416 O "O3'" . DT  B 1 9  ? -7.417  1.103   -9.515  1.00 37.00 ? 21 DT  B "O3'" 1 
ATOM   417 C "C2'" . DT  B 1 9  ? -5.597  2.815   -9.061  1.00 34.14 ? 21 DT  B "C2'" 1 
ATOM   418 C "C1'" . DT  B 1 9  ? -5.433  2.733   -7.554  1.00 27.40 ? 21 DT  B "C1'" 1 
ATOM   419 N N1    . DT  B 1 9  ? -4.477  3.715   -7.020  1.00 28.04 ? 21 DT  B N1    1 
ATOM   420 C C2    . DT  B 1 9  ? -4.762  4.272   -5.792  1.00 21.75 ? 21 DT  B C2    1 
ATOM   421 O O2    . DT  B 1 9  ? -5.794  4.004   -5.183  1.00 34.79 ? 21 DT  B O2    1 
ATOM   422 N N3    . DT  B 1 9  ? -3.874  5.148   -5.255  1.00 22.21 ? 21 DT  B N3    1 
ATOM   423 C C4    . DT  B 1 9  ? -2.708  5.465   -5.888  1.00 17.17 ? 21 DT  B C4    1 
ATOM   424 O O4    . DT  B 1 9  ? -1.960  6.284   -5.280  1.00 28.32 ? 21 DT  B O4    1 
ATOM   425 C C5    . DT  B 1 9  ? -2.411  4.877   -7.132  1.00 20.79 ? 21 DT  B C5    1 
ATOM   426 C C7    . DT  B 1 9  ? -1.150  5.217   -7.876  1.00 26.35 ? 21 DT  B C7    1 
ATOM   427 C C6    . DT  B 1 9  ? -3.303  4.016   -7.655  1.00 32.52 ? 21 DT  B C6    1 
ATOM   428 P P     . DG  B 1 10 ? -8.383  1.676   -10.642 1.00 47.88 ? 22 DG  B P     1 
ATOM   429 O OP1   . DG  B 1 10 ? -9.537  0.790   -10.983 1.00 47.05 ? 22 DG  B OP1   1 
ATOM   430 O OP2   . DG  B 1 10 ? -7.521  1.954   -11.806 1.00 42.42 ? 22 DG  B OP2   1 
ATOM   431 O "O5'" . DG  B 1 10 ? -8.972  2.988   -9.906  1.00 47.09 ? 22 DG  B "O5'" 1 
ATOM   432 C "C5'" . DG  B 1 10 ? -9.706  2.745   -8.690  1.00 38.86 ? 22 DG  B "C5'" 1 
ATOM   433 C "C4'" . DG  B 1 10 ? -10.179 4.063   -8.165  1.00 35.01 ? 22 DG  B "C4'" 1 
ATOM   434 O "O4'" . DG  B 1 10 ? -9.166  4.741   -7.469  1.00 35.37 ? 22 DG  B "O4'" 1 
ATOM   435 C "C3'" . DG  B 1 10 ? -10.741 5.069   -9.163  1.00 35.42 ? 22 DG  B "C3'" 1 
ATOM   436 O "O3'" . DG  B 1 10 ? -11.622 5.966   -8.437  1.00 47.14 ? 22 DG  B "O3'" 1 
ATOM   437 C "C2'" . DG  B 1 10 ? -9.455  5.836   -9.537  1.00 34.87 ? 22 DG  B "C2'" 1 
ATOM   438 C "C1'" . DG  B 1 10 ? -8.938  5.992   -8.119  1.00 32.74 ? 22 DG  B "C1'" 1 
ATOM   439 N N9    . DG  B 1 10 ? -7.551  6.452   -8.073  1.00 29.79 ? 22 DG  B N9    1 
ATOM   440 C C8    . DG  B 1 10 ? -6.528  6.313   -8.977  1.00 25.11 ? 22 DG  B C8    1 
ATOM   441 N N7    . DG  B 1 10 ? -5.399  6.877   -8.599  1.00 26.14 ? 22 DG  B N7    1 
ATOM   442 C C5    . DG  B 1 10 ? -5.716  7.454   -7.353  1.00 20.34 ? 22 DG  B C5    1 
ATOM   443 C C6    . DG  B 1 10 ? -4.948  8.193   -6.431  1.00 18.67 ? 22 DG  B C6    1 
ATOM   444 O O6    . DG  B 1 10 ? -3.772  8.552   -6.535  1.00 26.98 ? 22 DG  B O6    1 
ATOM   445 N N1    . DG  B 1 10 ? -5.614  8.560   -5.298  1.00 18.67 ? 22 DG  B N1    1 
ATOM   446 C C2    . DG  B 1 10 ? -6.921  8.244   -5.083  1.00 16.96 ? 22 DG  B C2    1 
ATOM   447 N N2    . DG  B 1 10 ? -7.456  8.692   -3.929  1.00 21.96 ? 22 DG  B N2    1 
ATOM   448 N N3    . DG  B 1 10 ? -7.689  7.547   -5.901  1.00 20.39 ? 22 DG  B N3    1 
ATOM   449 C C4    . DG  B 1 10 ? -7.026  7.186   -7.019  1.00 24.38 ? 22 DG  B C4    1 
ATOM   450 P P     . DC  B 1 11 ? -13.192 5.906   -8.867  1.00 51.36 ? 23 DC  B P     1 
ATOM   451 O OP1   . DC  B 1 11 ? -13.625 4.472   -8.712  1.00 50.67 ? 23 DC  B OP1   1 
ATOM   452 O OP2   . DC  B 1 11 ? -13.131 6.456   -10.228 1.00 38.92 ? 23 DC  B OP2   1 
ATOM   453 O "O5'" . DC  B 1 11 ? -13.925 6.825   -7.804  1.00 49.55 ? 23 DC  B "O5'" 1 
ATOM   454 C "C5'" . DC  B 1 11 ? -13.808 6.509   -6.384  1.00 51.62 ? 23 DC  B "C5'" 1 
ATOM   455 C "C4'" . DC  B 1 11 ? -13.693 7.847   -5.670  1.00 48.33 ? 23 DC  B "C4'" 1 
ATOM   456 O "O4'" . DC  B 1 11 ? -12.320 8.170   -5.598  1.00 44.08 ? 23 DC  B "O4'" 1 
ATOM   457 C "C3'" . DC  B 1 11 ? -14.435 9.016   -6.291  1.00 48.56 ? 23 DC  B "C3'" 1 
ATOM   458 O "O3'" . DC  B 1 11 ? -15.321 9.732   -5.437  1.00 53.19 ? 23 DC  B "O3'" 1 
ATOM   459 C "C2'" . DC  B 1 11 ? -13.326 9.884   -6.860  1.00 45.40 ? 23 DC  B "C2'" 1 
ATOM   460 C "C1'" . DC  B 1 11 ? -12.161 9.565   -5.929  1.00 34.77 ? 23 DC  B "C1'" 1 
ATOM   461 N N1    . DC  B 1 11 ? -10.917 9.740   -6.720  1.00 26.23 ? 23 DC  B N1    1 
ATOM   462 C C2    . DC  B 1 11 ? -9.918  10.459  -6.121  1.00 18.90 ? 23 DC  B C2    1 
ATOM   463 O O2    . DC  B 1 11 ? -10.066 10.906  -4.969  1.00 24.64 ? 23 DC  B O2    1 
ATOM   464 N N3    . DC  B 1 11 ? -8.763  10.647  -6.836  1.00 25.24 ? 23 DC  B N3    1 
ATOM   465 C C4    . DC  B 1 11 ? -8.617  10.167  -8.086  1.00 17.80 ? 23 DC  B C4    1 
ATOM   466 N N4    . DC  B 1 11 ? -7.474  10.389  -8.744  1.00 28.99 ? 23 DC  B N4    1 
ATOM   467 C C5    . DC  B 1 11 ? -9.665  9.443   -8.693  1.00 22.22 ? 23 DC  B C5    1 
ATOM   468 C C6    . DC  B 1 11 ? -10.778 9.246   -7.980  1.00 22.81 ? 23 DC  B C6    1 
ATOM   469 P P     . DG  B 1 12 ? -16.305 10.914  -5.920  1.00 46.23 ? 24 DG  B P     1 
ATOM   470 O OP1   . DG  B 1 12 ? -17.601 10.752  -5.186  1.00 51.86 ? 24 DG  B OP1   1 
ATOM   471 O OP2   . DG  B 1 12 ? -16.387 10.850  -7.397  1.00 30.75 ? 24 DG  B OP2   1 
ATOM   472 O "O5'" . DG  B 1 12 ? -15.590 12.244  -5.341  1.00 38.77 ? 24 DG  B "O5'" 1 
ATOM   473 C "C5'" . DG  B 1 12 ? -15.458 12.247  -3.880  1.00 35.27 ? 24 DG  B "C5'" 1 
ATOM   474 C "C4'" . DG  B 1 12 ? -14.543 13.435  -3.606  1.00 31.97 ? 24 DG  B "C4'" 1 
ATOM   475 O "O4'" . DG  B 1 12 ? -13.266 13.079  -4.076  1.00 31.49 ? 24 DG  B "O4'" 1 
ATOM   476 C "C3'" . DG  B 1 12 ? -14.910 14.670  -4.392  1.00 28.70 ? 24 DG  B "C3'" 1 
ATOM   477 O "O3'" . DG  B 1 12 ? -15.973 15.427  -3.827  1.00 42.23 ? 24 DG  B "O3'" 1 
ATOM   478 C "C2'" . DG  B 1 12 ? -13.584 15.390  -4.504  1.00 32.40 ? 24 DG  B "C2'" 1 
ATOM   479 C "C1'" . DG  B 1 12 ? -12.573 14.282  -4.533  1.00 33.52 ? 24 DG  B "C1'" 1 
ATOM   480 N N9    . DG  B 1 12 ? -12.003 13.932  -5.846  1.00 28.03 ? 24 DG  B N9    1 
ATOM   481 C C8    . DG  B 1 12 ? -12.610 13.199  -6.836  1.00 25.62 ? 24 DG  B C8    1 
ATOM   482 N N7    . DG  B 1 12 ? -11.863 13.017  -7.889  1.00 26.25 ? 24 DG  B N7    1 
ATOM   483 C C5    . DG  B 1 12 ? -10.662 13.647  -7.564  1.00 18.85 ? 24 DG  B C5    1 
ATOM   484 C C6    . DG  B 1 12 ? -9.448  13.775  -8.274  1.00 20.84 ? 24 DG  B C6    1 
ATOM   485 O O6    . DG  B 1 12 ? -9.217  13.317  -9.401  1.00 36.93 ? 24 DG  B O6    1 
ATOM   486 N N1    . DG  B 1 12 ? -8.466  14.490  -7.634  1.00 17.87 ? 24 DG  B N1    1 
ATOM   487 C C2    . DG  B 1 12 ? -8.672  15.008  -6.388  1.00 17.69 ? 24 DG  B C2    1 
ATOM   488 N N2    . DG  B 1 12 ? -7.657  15.701  -5.873  1.00 23.06 ? 24 DG  B N2    1 
ATOM   489 N N3    . DG  B 1 12 ? -9.777  14.897  -5.671  1.00 18.73 ? 24 DG  B N3    1 
ATOM   490 C C4    . DG  B 1 12 ? -10.740 14.212  -6.315  1.00 21.17 ? 24 DG  B C4    1 
HETATM 491 O O     . HOH C 2 .  ? -4.206  -0.933  -4.705  1.00 27.64 ? 25 HOH A O     1 
HETATM 492 O O     . HOH C 2 .  ? -6.529  -6.268  0.456   1.00 35.28 ? 26 HOH A O     1 
HETATM 493 O O     . HOH C 2 .  ? 7.480   -3.787  0.269   1.00 39.37 ? 27 HOH A O     1 
HETATM 494 O O     . HOH C 2 .  ? 9.569   -5.862  3.445   1.00 36.03 ? 29 HOH A O     1 
HETATM 495 O O     . HOH C 2 .  ? 4.616   -3.404  -2.542  1.00 31.32 ? 31 HOH A O     1 
HETATM 496 O O     . HOH C 2 .  ? 0.177   -10.103 2.124   1.00 39.40 ? 32 HOH A O     1 
HETATM 497 O O     . HOH C 2 .  ? -2.239  -6.442  3.969   1.00 48.71 ? 33 HOH A O     1 
HETATM 498 O O     . HOH C 2 .  ? -8.777  5.843   -0.651  1.00 44.95 ? 34 HOH A O     1 
HETATM 499 O O     . HOH C 2 .  ? -1.903  16.039  5.436   1.00 40.52 ? 35 HOH A O     1 
HETATM 500 O O     . HOH C 2 .  ? 3.360   -12.743 2.101   1.00 56.83 ? 37 HOH A O     1 
HETATM 501 O O     . HOH C 2 .  ? 9.672   -3.572  1.556   1.00 36.97 ? 39 HOH A O     1 
HETATM 502 O O     . HOH C 2 .  ? -12.331 -4.131  1.144   1.00 42.13 ? 40 HOH A O     1 
HETATM 503 O O     . HOH C 2 .  ? 2.654   -3.531  -5.135  1.00 45.91 ? 42 HOH A O     1 
HETATM 504 O O     . HOH C 2 .  ? 0.894   13.735  -7.149  1.00 40.89 ? 50 HOH A O     1 
HETATM 505 O O     . HOH C 2 .  ? -1.736  2.127   3.502   1.00 73.11 ? 51 HOH A O     1 
HETATM 506 O O     . HOH C 2 .  ? -5.387  -8.596  -0.175  1.00 64.40 ? 53 HOH A O     1 
HETATM 507 O O     . HOH C 2 .  ? 17.420  -8.934  7.233   1.00 52.61 ? 55 HOH A O     1 
HETATM 508 O O     . HOH C 2 .  ? 0.248   13.275  -2.065  1.00 57.70 ? 57 HOH A O     1 
HETATM 509 O O     . HOH C 2 .  ? -1.925  19.280  2.084   1.00 60.64 ? 58 HOH A O     1 
HETATM 510 O O     . HOH C 2 .  ? 3.806   -4.155  -7.404  1.00 60.63 ? 59 HOH A O     1 
HETATM 511 O O     . HOH C 2 .  ? -1.237  9.636   0.989   1.00 56.75 ? 64 HOH A O     1 
HETATM 512 O O     . HOH C 2 .  ? -2.158  -0.247  4.985   1.00 59.97 ? 67 HOH A O     1 
HETATM 513 O O     . HOH C 2 .  ? -3.491  13.593  7.664   1.00 54.27 ? 70 HOH A O     1 
HETATM 514 O O     . HOH C 2 .  ? -7.404  1.877   -2.863  1.00 68.39 ? 71 HOH A O     1 
HETATM 515 O O     . HOH C 2 .  ? -0.846  11.783  -8.470  1.00 49.13 ? 73 HOH A O     1 
HETATM 516 O O     . HOH C 2 .  ? -9.780  3.538   -1.617  1.00 64.28 ? 75 HOH A O     1 
HETATM 517 O O     . HOH C 2 .  ? -1.614  11.822  3.230   1.00 77.11 ? 79 HOH A O     1 
HETATM 518 O O     . HOH C 2 .  ? 15.055  -2.249  9.226   1.00 63.20 ? 80 HOH A O     1 
HETATM 519 O O     . HOH C 2 .  ? -5.262  14.767  6.035   1.00 73.71 ? 85 HOH A O     1 
HETATM 520 O O     . HOH C 2 .  ? -0.975  12.401  0.076   1.00 73.53 ? 86 HOH A O     1 
HETATM 521 O O     . HOH C 2 .  ? 16.086  -3.780  1.241   1.00 77.53 ? 88 HOH A O     1 
HETATM 522 O O     . HOH C 2 .  ? -0.105  -10.931 -7.653  1.00 70.33 ? 90 HOH A O     1 
HETATM 523 O O     . HOH C 2 .  ? -1.320  12.010  -11.009 1.00 58.88 ? 91 HOH A O     1 
HETATM 524 O O     . HOH C 2 .  ? -8.154  13.459  7.172   1.00 67.32 ? 92 HOH A O     1 
HETATM 525 O O     . HOH C 2 .  ? 8.641   -10.603 -2.895  1.00 60.52 ? 93 HOH A O     1 
HETATM 526 O O     . HOH D 2 .  ? 0.173   -2.404  -4.783  1.00 36.42 ? 28 HOH B O     1 
HETATM 527 O O     . HOH D 2 .  ? 5.384   4.198   -3.863  1.00 46.17 ? 30 HOH B O     1 
HETATM 528 O O     . HOH D 2 .  ? 1.231   4.305   2.060   1.00 45.79 ? 36 HOH B O     1 
HETATM 529 O O     . HOH D 2 .  ? 3.620   -14.284 4.020   1.00 50.24 ? 38 HOH B O     1 
HETATM 530 O O     . HOH D 2 .  ? 1.859   -0.626  6.602   1.00 30.00 ? 41 HOH B O     1 
HETATM 531 O O     . HOH D 2 .  ? 2.392   -10.045 15.619  1.00 60.59 ? 43 HOH B O     1 
HETATM 532 O O     . HOH D 2 .  ? -12.425 0.456   -11.605 1.00 62.22 ? 44 HOH B O     1 
HETATM 533 O O     . HOH D 2 .  ? 4.099   6.738   -2.795  1.00 52.81 ? 45 HOH B O     1 
HETATM 534 O O     . HOH D 2 .  ? 1.502   -19.141 12.918  1.00 46.16 ? 46 HOH B O     1 
HETATM 535 O O     . HOH D 2 .  ? 2.039   1.693   3.754   1.00 49.49 ? 47 HOH B O     1 
HETATM 536 O O     . HOH D 2 .  ? -15.079 11.391  -9.544  1.00 56.09 ? 48 HOH B O     1 
HETATM 537 O O     . HOH D 2 .  ? -0.543  -6.157  11.061  1.00 47.39 ? 49 HOH B O     1 
HETATM 538 O O     . HOH D 2 .  ? 0.143   7.942   -7.071  1.00 49.94 ? 52 HOH B O     1 
HETATM 539 O O     . HOH D 2 .  ? -19.943 11.748  -3.409  1.00 59.28 ? 54 HOH B O     1 
HETATM 540 O O     . HOH D 2 .  ? 10.130  -3.274  4.521   1.00 46.43 ? 56 HOH B O     1 
HETATM 541 O O     . HOH D 2 .  ? -17.217 7.263   -9.088  1.00 54.40 ? 60 HOH B O     1 
HETATM 542 O O     . HOH D 2 .  ? 3.014   -6.976  16.198  1.00 42.83 ? 61 HOH B O     1 
HETATM 543 O O     . HOH D 2 .  ? 6.502   3.801   2.455   1.00 50.88 ? 62 HOH B O     1 
HETATM 544 O O     . HOH D 2 .  ? -0.732  -8.597  10.161  1.00 48.06 ? 63 HOH B O     1 
HETATM 545 O O     . HOH D 2 .  ? -11.758 12.577  -10.520 1.00 57.43 ? 65 HOH B O     1 
HETATM 546 O O     . HOH D 2 .  ? 8.603   0.243   -7.854  1.00 56.54 ? 66 HOH B O     1 
HETATM 547 O O     . HOH D 2 .  ? 0.688   -14.281 4.834   1.00 57.48 ? 68 HOH B O     1 
HETATM 548 O O     . HOH D 2 .  ? -12.946 6.327   -2.598  1.00 67.51 ? 69 HOH B O     1 
HETATM 549 O O     . HOH D 2 .  ? -9.758  6.256   -5.050  1.00 44.43 ? 72 HOH B O     1 
HETATM 550 O O     . HOH D 2 .  ? -0.799  -4.667  7.243   1.00 65.81 ? 74 HOH B O     1 
HETATM 551 O O     . HOH D 2 .  ? 10.597  1.565   8.332   1.00 63.26 ? 76 HOH B O     1 
HETATM 552 O O     . HOH D 2 .  ? -0.094  -2.204  6.241   1.00 56.66 ? 77 HOH B O     1 
HETATM 553 O O     . HOH D 2 .  ? -13.814 13.591  -12.212 1.00 61.22 ? 78 HOH B O     1 
HETATM 554 O O     . HOH D 2 .  ? -0.907  -7.647  6.853   1.00 56.29 ? 81 HOH B O     1 
HETATM 555 O O     . HOH D 2 .  ? -3.084  -6.259  10.621  1.00 64.79 ? 82 HOH B O     1 
HETATM 556 O O     . HOH D 2 .  ? -7.645  4.741   -12.344 1.00 59.33 ? 83 HOH B O     1 
HETATM 557 O O     . HOH D 2 .  ? -9.436  0.374   -14.063 1.00 67.80 ? 84 HOH B O     1 
HETATM 558 O O     . HOH D 2 .  ? 10.989  0.969   -6.945  1.00 55.71 ? 87 HOH B O     1 
HETATM 559 O O     . HOH D 2 .  ? 0.042   -15.215 2.156   1.00 60.73 ? 89 HOH B O     1 
# 
